data_1XR7
#
_entry.id   1XR7
#
_cell.length_a   100.976
_cell.length_b   100.955
_cell.length_c   116.839
_cell.angle_alpha   90.00
_cell.angle_beta   90.00
_cell.angle_gamma   90.00
#
_symmetry.space_group_name_H-M   'P 21 21 21'
#
loop_
_entity.id
_entity.type
_entity.pdbx_description
1 polymer 'Genome polyprotein'
2 water water
#
_entity_poly.entity_id   1
_entity_poly.type   'polypeptide(L)'
_entity_poly.pdbx_seq_one_letter_code
;GQIQISKHVKDVGLPSIHTPTKTKLQPSVFYDIFPGSKEPAVLTEKDPRLKVDFDSALFSKYKGNTECSLNEHIQVAVAH
YSAQLATLDIDPQPIAMEDSVFGMDGLEALDLNTSAGYPYVTLGIKKKDLINNKTKDISKLKLALDKYGVDLPMITFLKD
ELRKKDKIAAGKTRVIEASSINDTILFRTVYGNLFSKFHLNPGVVTGCAVGCDPETFWSKIPLMLDGDCIMAFDYTNYDG
SIHPIWFKALGMVLDNLSFNPTLINRLCNSKHIFKSTYYEVEGGVPSGCSGTSIFNSMINNIIIRTLVLDAYKHIDLDKL
KIIAYGDDVIFSYKYKLDMEAIAKEGQKYGLTITPADKSSEFKELDYGNVTFLKRGFRQDDKYKFLIHPTFPVEEIYESI
RWTKKPSQMQEHVLSLCHLMWHNGPEIYKDFETKIRSVSAGRALYIPPYELLRHEWYEKF
;
_entity_poly.pdbx_strand_id   A,B
#
# COMPACT_ATOMS: atom_id res chain seq x y z
N GLY A 1 23.09 5.44 -8.05
CA GLY A 1 23.43 6.73 -8.69
C GLY A 1 22.63 7.87 -8.10
N GLN A 2 23.06 9.09 -8.35
CA GLN A 2 22.39 10.28 -7.83
C GLN A 2 21.71 11.06 -8.95
N ILE A 3 20.48 11.51 -8.70
CA ILE A 3 19.79 12.38 -9.65
C ILE A 3 20.33 13.81 -9.48
N GLN A 4 21.01 14.31 -10.51
CA GLN A 4 21.60 15.65 -10.52
C GLN A 4 20.63 16.72 -11.01
N ILE A 5 19.78 16.36 -11.96
CA ILE A 5 18.84 17.29 -12.58
C ILE A 5 17.46 16.63 -12.73
N SER A 6 16.40 17.38 -12.46
CA SER A 6 15.03 16.93 -12.68
C SER A 6 14.16 18.11 -13.13
N LYS A 7 13.54 17.96 -14.30
CA LYS A 7 12.79 19.03 -14.94
C LYS A 7 11.47 18.55 -15.54
N HIS A 8 10.49 19.44 -15.55
CA HIS A 8 9.27 19.21 -16.31
C HIS A 8 9.64 19.29 -17.77
N VAL A 9 9.08 18.37 -18.52
CA VAL A 9 9.42 18.13 -19.90
C VAL A 9 9.04 19.35 -20.78
N LYS A 10 7.95 20.03 -20.43
CA LYS A 10 7.49 21.22 -21.17
C LYS A 10 8.39 22.46 -20.94
N ASP A 11 9.19 22.44 -19.88
CA ASP A 11 10.13 23.53 -19.58
C ASP A 11 11.47 23.42 -20.31
N VAL A 12 11.72 22.31 -21.01
CA VAL A 12 12.97 22.12 -21.75
C VAL A 12 12.74 21.58 -23.17
N GLY A 13 11.65 21.99 -23.80
CA GLY A 13 11.42 21.68 -25.20
C GLY A 13 11.30 20.21 -25.60
N LEU A 14 10.82 19.39 -24.67
CA LEU A 14 10.60 17.95 -24.94
C LEU A 14 9.10 17.62 -24.75
N PRO A 15 8.61 16.61 -25.45
CA PRO A 15 7.22 16.16 -25.28
C PRO A 15 7.08 15.12 -24.16
N SER A 16 5.83 14.81 -23.82
CA SER A 16 5.52 13.69 -22.94
C SER A 16 5.70 12.38 -23.69
N ILE A 17 6.20 11.36 -23.00
CA ILE A 17 6.41 10.04 -23.58
C ILE A 17 5.40 9.08 -22.99
N HIS A 18 4.67 8.38 -23.85
CA HIS A 18 3.63 7.47 -23.40
C HIS A 18 4.11 6.04 -23.57
N THR A 19 4.13 5.34 -22.44
CA THR A 19 4.66 3.99 -22.33
C THR A 19 3.51 3.07 -21.92
N PRO A 20 3.45 1.86 -22.50
CA PRO A 20 2.39 0.89 -22.16
C PRO A 20 2.07 0.82 -20.66
N THR A 21 0.77 0.92 -20.36
CA THR A 21 0.25 0.98 -19.01
C THR A 21 -0.46 -0.33 -18.58
N LYS A 22 -0.81 -1.15 -19.56
CA LYS A 22 -1.50 -2.43 -19.31
C LYS A 22 -0.57 -3.62 -19.55
N THR A 23 -0.75 -4.68 -18.76
CA THR A 23 0.07 -5.90 -18.92
C THR A 23 -0.42 -6.73 -20.09
N LYS A 24 0.51 -7.35 -20.80
CA LYS A 24 0.19 -8.43 -21.74
C LYS A 24 -0.01 -9.75 -20.97
N LEU A 25 0.40 -9.78 -19.69
CA LEU A 25 0.32 -10.97 -18.85
C LEU A 25 -1.13 -11.35 -18.49
N GLN A 26 -1.44 -12.63 -18.66
CA GLN A 26 -2.79 -13.17 -18.44
C GLN A 26 -2.67 -14.61 -17.90
N PRO A 27 -3.52 -15.00 -16.94
CA PRO A 27 -3.55 -16.41 -16.49
C PRO A 27 -3.62 -17.40 -17.65
N SER A 28 -2.81 -18.45 -17.58
CA SER A 28 -2.75 -19.47 -18.62
C SER A 28 -3.67 -20.64 -18.24
N VAL A 29 -3.71 -21.63 -19.12
CA VAL A 29 -4.51 -22.83 -18.88
C VAL A 29 -3.98 -23.71 -17.72
N PHE A 30 -2.76 -23.47 -17.27
CA PHE A 30 -2.17 -24.22 -16.17
C PHE A 30 -2.19 -23.46 -14.82
N TYR A 31 -2.91 -22.35 -14.78
CA TYR A 31 -2.90 -21.43 -13.62
C TYR A 31 -3.35 -22.11 -12.32
N ASP A 32 -4.38 -22.94 -12.41
CA ASP A 32 -4.96 -23.58 -11.22
C ASP A 32 -4.35 -24.93 -10.88
N ILE A 33 -3.51 -25.48 -11.75
CA ILE A 33 -2.93 -26.79 -11.51
C ILE A 33 -1.51 -26.78 -10.93
N PHE A 34 -0.83 -25.64 -11.01
CA PHE A 34 0.47 -25.47 -10.38
C PHE A 34 0.36 -24.41 -9.28
N PRO A 35 1.09 -24.55 -8.18
CA PRO A 35 1.12 -23.51 -7.15
C PRO A 35 2.02 -22.33 -7.52
N GLY A 36 1.71 -21.17 -6.95
CA GLY A 36 2.50 -19.96 -7.14
C GLY A 36 1.81 -18.75 -6.55
N SER A 37 2.53 -17.65 -6.39
CA SER A 37 1.95 -16.40 -5.91
C SER A 37 2.45 -15.13 -6.63
N LYS A 38 3.19 -15.27 -7.73
CA LYS A 38 3.65 -14.09 -8.47
C LYS A 38 2.53 -13.46 -9.29
N GLU A 39 2.56 -12.14 -9.40
CA GLU A 39 1.59 -11.38 -10.21
C GLU A 39 2.32 -10.38 -11.11
N PRO A 40 1.68 -9.93 -12.18
CA PRO A 40 2.28 -8.90 -13.04
C PRO A 40 2.65 -7.65 -12.26
N ALA A 41 3.83 -7.10 -12.50
CA ALA A 41 4.27 -5.88 -11.85
C ALA A 41 3.29 -4.73 -12.09
N VAL A 42 3.15 -3.85 -11.10
CA VAL A 42 2.35 -2.65 -11.26
C VAL A 42 2.99 -1.76 -12.33
N LEU A 43 2.16 -1.29 -13.26
CA LEU A 43 2.63 -0.54 -14.42
C LEU A 43 2.17 0.93 -14.42
N THR A 44 1.37 1.31 -13.44
CA THR A 44 0.83 2.66 -13.36
C THR A 44 0.42 3.07 -11.94
N GLU A 45 0.31 4.38 -11.73
CA GLU A 45 -0.09 4.96 -10.45
C GLU A 45 -1.51 4.55 -10.04
N LYS A 46 -2.35 4.22 -11.02
CA LYS A 46 -3.77 3.96 -10.80
C LYS A 46 -4.08 2.50 -10.51
N ASP A 47 -3.04 1.66 -10.42
CA ASP A 47 -3.20 0.24 -10.09
C ASP A 47 -3.75 0.11 -8.67
N PRO A 48 -4.90 -0.56 -8.50
CA PRO A 48 -5.54 -0.69 -7.18
C PRO A 48 -4.77 -1.53 -6.15
N ARG A 49 -3.76 -2.27 -6.58
CA ARG A 49 -2.97 -3.12 -5.69
C ARG A 49 -1.91 -2.30 -4.94
N LEU A 50 -1.57 -1.13 -5.46
CA LEU A 50 -0.58 -0.25 -4.83
C LEU A 50 -0.97 0.21 -3.43
N LYS A 51 0.04 0.36 -2.58
CA LYS A 51 -0.14 0.79 -1.19
C LYS A 51 1.00 1.76 -0.82
N VAL A 52 1.33 2.64 -1.76
CA VAL A 52 2.48 3.52 -1.66
C VAL A 52 2.50 4.46 -2.87
N ASP A 53 3.17 5.60 -2.73
CA ASP A 53 3.36 6.51 -3.86
C ASP A 53 4.25 5.83 -4.88
N PHE A 54 3.74 5.67 -6.09
CA PHE A 54 4.40 4.89 -7.13
C PHE A 54 5.67 5.56 -7.65
N ASP A 55 5.59 6.86 -7.94
CA ASP A 55 6.72 7.57 -8.53
C ASP A 55 7.92 7.67 -7.58
N SER A 56 7.66 7.70 -6.28
CA SER A 56 8.74 7.78 -5.28
C SER A 56 9.46 6.45 -5.15
N ALA A 57 8.69 5.36 -5.10
CA ALA A 57 9.23 4.02 -4.91
C ALA A 57 10.11 3.53 -6.08
N LEU A 58 9.88 4.10 -7.27
CA LEU A 58 10.69 3.80 -8.44
C LEU A 58 11.99 4.59 -8.42
N PHE A 59 11.90 5.85 -7.99
CA PHE A 59 13.06 6.74 -7.93
C PHE A 59 13.95 6.50 -6.69
N SER A 60 13.68 5.44 -5.93
CA SER A 60 14.52 5.06 -4.79
C SER A 60 15.76 4.27 -5.25
N LYS A 61 15.75 3.81 -6.49
CA LYS A 61 16.94 3.22 -7.13
C LYS A 61 18.12 4.20 -7.12
N TYR A 62 17.81 5.49 -7.03
CA TYR A 62 18.79 6.56 -7.06
C TYR A 62 18.90 7.25 -5.70
N LYS A 63 19.90 6.90 -4.91
CA LYS A 63 20.03 7.45 -3.55
C LYS A 63 21.45 7.87 -3.19
N GLY A 64 22.12 8.54 -4.13
CA GLY A 64 23.41 9.18 -3.85
C GLY A 64 24.61 8.33 -4.20
N ASN A 65 25.77 8.98 -4.25
CA ASN A 65 27.05 8.30 -4.45
C ASN A 65 27.89 8.44 -3.19
N THR A 66 28.53 7.34 -2.78
CA THR A 66 29.47 7.36 -1.67
C THR A 66 30.72 8.12 -2.11
N GLU A 67 31.36 8.80 -1.17
CA GLU A 67 32.56 9.56 -1.43
C GLU A 67 33.77 8.62 -1.49
N CYS A 68 34.31 8.40 -2.69
CA CYS A 68 35.51 7.58 -2.85
C CYS A 68 36.32 7.92 -4.11
N SER A 69 37.53 7.37 -4.18
CA SER A 69 38.49 7.67 -5.25
C SER A 69 39.26 6.45 -5.69
N LEU A 70 39.88 6.53 -6.86
CA LEU A 70 40.81 5.51 -7.32
C LEU A 70 41.90 5.29 -6.26
N ASN A 71 42.33 4.03 -6.13
CA ASN A 71 43.46 3.69 -5.29
C ASN A 71 44.39 2.74 -6.06
N GLU A 72 45.49 2.35 -5.44
CA GLU A 72 46.50 1.52 -6.09
C GLU A 72 45.93 0.15 -6.46
N HIS A 73 45.11 -0.41 -5.57
CA HIS A 73 44.53 -1.73 -5.78
C HIS A 73 43.60 -1.79 -6.99
N ILE A 74 42.74 -0.79 -7.15
CA ILE A 74 41.88 -0.72 -8.32
C ILE A 74 42.75 -0.64 -9.56
N GLN A 75 43.83 0.12 -9.42
CA GLN A 75 44.78 0.32 -10.48
C GLN A 75 45.53 -0.94 -10.91
N VAL A 76 45.93 -1.79 -9.95
CA VAL A 76 46.60 -3.03 -10.31
C VAL A 76 45.56 -4.02 -10.85
N ALA A 77 44.31 -3.90 -10.40
CA ALA A 77 43.23 -4.73 -10.92
C ALA A 77 43.02 -4.43 -12.39
N VAL A 78 43.07 -3.15 -12.76
CA VAL A 78 42.93 -2.69 -14.14
C VAL A 78 44.05 -3.25 -15.02
N ALA A 79 45.28 -3.19 -14.54
CA ALA A 79 46.44 -3.63 -15.32
C ALA A 79 46.44 -5.15 -15.46
N HIS A 80 46.03 -5.86 -14.42
CA HIS A 80 45.99 -7.32 -14.48
C HIS A 80 44.93 -7.81 -15.48
N TYR A 81 43.70 -7.32 -15.35
CA TYR A 81 42.62 -7.71 -16.25
C TYR A 81 42.90 -7.31 -17.69
N SER A 82 43.49 -6.14 -17.88
CA SER A 82 43.86 -5.66 -19.21
C SER A 82 44.84 -6.60 -19.93
N ALA A 83 45.85 -7.07 -19.19
CA ALA A 83 46.89 -7.93 -19.74
C ALA A 83 46.32 -9.31 -20.08
N GLN A 84 45.35 -9.74 -19.27
CA GLN A 84 44.60 -10.96 -19.54
C GLN A 84 43.77 -10.84 -20.82
N LEU A 85 43.08 -9.73 -21.03
CA LEU A 85 42.23 -9.55 -22.22
C LEU A 85 43.05 -9.31 -23.51
N ALA A 86 44.28 -8.80 -23.36
CA ALA A 86 45.18 -8.57 -24.49
C ALA A 86 45.53 -9.90 -25.15
N THR A 87 45.58 -10.95 -24.34
CA THR A 87 45.74 -12.33 -24.81
C THR A 87 44.81 -12.70 -25.96
N LEU A 88 43.63 -12.10 -25.99
CA LEU A 88 42.61 -12.40 -27.01
C LEU A 88 42.85 -11.70 -28.35
N ASP A 89 43.67 -10.65 -28.35
CA ASP A 89 44.01 -9.89 -29.57
C ASP A 89 42.77 -9.38 -30.30
N ILE A 90 41.89 -8.73 -29.54
CA ILE A 90 40.67 -8.14 -30.10
C ILE A 90 41.03 -7.02 -31.06
N ASP A 91 40.34 -7.01 -32.20
CA ASP A 91 40.53 -5.99 -33.22
C ASP A 91 39.89 -4.67 -32.76
N PRO A 92 40.71 -3.65 -32.48
CA PRO A 92 40.19 -2.36 -31.99
C PRO A 92 39.45 -1.47 -33.01
N GLN A 93 39.44 -1.85 -34.28
CA GLN A 93 38.76 -1.08 -35.33
C GLN A 93 37.24 -1.21 -35.21
N PRO A 94 36.52 -0.19 -35.68
CA PRO A 94 35.06 -0.26 -35.72
C PRO A 94 34.55 -1.27 -36.76
N ILE A 95 33.29 -1.65 -36.63
CA ILE A 95 32.65 -2.55 -37.59
C ILE A 95 31.72 -1.77 -38.52
N ALA A 96 31.48 -2.34 -39.70
CA ALA A 96 30.60 -1.75 -40.70
C ALA A 96 29.17 -1.70 -40.16
N MET A 97 28.42 -0.67 -40.54
CA MET A 97 27.05 -0.48 -40.05
C MET A 97 26.13 -1.63 -40.41
N GLU A 98 26.44 -2.31 -41.50
CA GLU A 98 25.67 -3.48 -41.95
C GLU A 98 25.75 -4.59 -40.89
N ASP A 99 26.94 -4.77 -40.33
CA ASP A 99 27.18 -5.74 -39.27
C ASP A 99 26.53 -5.33 -37.96
N SER A 100 26.44 -4.03 -37.69
CA SER A 100 25.77 -3.52 -36.49
C SER A 100 24.26 -3.73 -36.51
N VAL A 101 23.67 -3.76 -37.71
CA VAL A 101 22.22 -3.87 -37.86
C VAL A 101 21.81 -5.34 -38.00
N PHE A 102 22.46 -6.06 -38.92
CA PHE A 102 22.07 -7.44 -39.26
C PHE A 102 22.95 -8.51 -38.63
N GLY A 103 23.99 -8.08 -37.91
CA GLY A 103 24.84 -8.99 -37.18
C GLY A 103 26.08 -9.49 -37.89
N MET A 104 26.88 -10.25 -37.15
CA MET A 104 28.03 -10.97 -37.68
C MET A 104 28.37 -12.09 -36.70
N ASP A 105 29.55 -12.69 -36.82
CA ASP A 105 29.93 -13.76 -35.90
C ASP A 105 30.07 -13.22 -34.47
N GLY A 106 29.30 -13.78 -33.55
CA GLY A 106 29.34 -13.37 -32.15
C GLY A 106 28.48 -12.14 -31.81
N LEU A 107 27.85 -11.55 -32.83
CA LEU A 107 26.99 -10.39 -32.63
C LEU A 107 25.63 -10.61 -33.27
N GLU A 108 24.64 -10.94 -32.45
CA GLU A 108 23.27 -11.16 -32.88
C GLU A 108 22.75 -9.95 -33.65
N ALA A 109 21.82 -10.19 -34.58
CA ALA A 109 21.13 -9.10 -35.28
C ALA A 109 20.37 -8.23 -34.28
N LEU A 110 20.28 -6.95 -34.60
CA LEU A 110 19.47 -6.00 -33.83
C LEU A 110 18.02 -6.50 -33.80
N ASP A 111 17.39 -6.43 -32.63
CA ASP A 111 15.96 -6.75 -32.50
C ASP A 111 15.17 -5.62 -33.13
N LEU A 112 14.33 -5.96 -34.11
CA LEU A 112 13.62 -4.96 -34.90
C LEU A 112 12.21 -4.69 -34.37
N ASN A 113 11.82 -5.40 -33.31
CA ASN A 113 10.50 -5.27 -32.71
C ASN A 113 10.46 -4.31 -31.53
N THR A 114 11.53 -4.25 -30.74
CA THR A 114 11.60 -3.36 -29.59
C THR A 114 11.62 -1.90 -30.02
N SER A 115 11.46 -1.00 -29.05
CA SER A 115 11.34 0.43 -29.33
C SER A 115 12.62 1.01 -29.93
N ALA A 116 12.47 1.96 -30.85
CA ALA A 116 13.59 2.69 -31.42
C ALA A 116 14.05 3.89 -30.58
N GLY A 117 13.38 4.14 -29.44
CA GLY A 117 13.75 5.22 -28.54
C GLY A 117 13.41 6.62 -29.03
N TYR A 118 14.01 7.62 -28.37
CA TYR A 118 13.88 9.02 -28.75
C TYR A 118 14.74 9.28 -29.99
N PRO A 119 14.29 10.09 -30.95
CA PRO A 119 13.00 10.78 -30.94
C PRO A 119 11.89 10.00 -31.63
N TYR A 120 12.21 8.81 -32.15
CA TYR A 120 11.30 8.06 -33.02
C TYR A 120 10.01 7.61 -32.35
N VAL A 121 10.03 7.45 -31.03
CA VAL A 121 8.87 7.00 -30.28
C VAL A 121 7.78 8.10 -30.20
N THR A 122 8.18 9.36 -30.41
CA THR A 122 7.24 10.48 -30.43
C THR A 122 6.77 10.83 -31.85
N LEU A 123 7.45 10.29 -32.86
CA LEU A 123 7.20 10.65 -34.26
C LEU A 123 6.35 9.60 -35.01
N GLY A 124 5.92 8.56 -34.31
CA GLY A 124 5.24 7.44 -34.94
C GLY A 124 6.16 6.56 -35.79
N ILE A 125 7.47 6.66 -35.56
CA ILE A 125 8.47 5.89 -36.31
C ILE A 125 8.97 4.68 -35.48
N LYS A 126 8.91 3.51 -36.11
CA LYS A 126 9.38 2.25 -35.52
C LYS A 126 10.63 1.77 -36.25
N LYS A 127 11.27 0.73 -35.73
CA LYS A 127 12.52 0.24 -36.29
C LYS A 127 12.39 -0.28 -37.72
N LYS A 128 11.26 -0.92 -38.01
CA LYS A 128 11.00 -1.49 -39.34
C LYS A 128 10.72 -0.42 -40.41
N ASP A 129 10.52 0.83 -39.99
CA ASP A 129 10.47 1.96 -40.91
C ASP A 129 11.88 2.40 -41.30
N LEU A 130 12.83 2.25 -40.38
CA LEU A 130 14.22 2.61 -40.65
C LEU A 130 14.98 1.50 -41.37
N ILE A 131 14.66 0.25 -41.05
CA ILE A 131 15.39 -0.91 -41.53
C ILE A 131 14.44 -1.88 -42.24
N ASN A 132 14.80 -2.29 -43.44
CA ASN A 132 14.04 -3.26 -44.22
C ASN A 132 14.76 -4.61 -44.19
N ASN A 133 14.23 -5.55 -43.40
CA ASN A 133 14.83 -6.86 -43.25
C ASN A 133 14.76 -7.73 -44.52
N LYS A 134 13.74 -7.48 -45.34
CA LYS A 134 13.55 -8.24 -46.59
C LYS A 134 14.63 -7.93 -47.62
N THR A 135 14.92 -6.64 -47.83
CA THR A 135 15.90 -6.20 -48.82
C THR A 135 17.30 -5.93 -48.21
N LYS A 136 17.38 -5.91 -46.88
CA LYS A 136 18.56 -5.48 -46.13
C LYS A 136 18.95 -4.02 -46.40
N ASP A 137 17.94 -3.19 -46.68
CA ASP A 137 18.14 -1.77 -46.99
C ASP A 137 18.07 -0.92 -45.72
N ILE A 138 19.15 -0.20 -45.43
CA ILE A 138 19.21 0.66 -44.25
C ILE A 138 19.37 2.14 -44.62
N SER A 139 18.92 2.53 -45.81
CA SER A 139 19.06 3.91 -46.26
C SER A 139 18.26 4.88 -45.40
N LYS A 140 17.05 4.49 -45.02
CA LYS A 140 16.23 5.30 -44.10
C LYS A 140 16.92 5.49 -42.74
N LEU A 141 17.53 4.42 -42.22
CA LEU A 141 18.27 4.49 -40.97
C LEU A 141 19.43 5.50 -41.03
N LYS A 142 20.17 5.50 -42.15
CA LYS A 142 21.37 6.34 -42.28
C LYS A 142 21.03 7.83 -42.27
N LEU A 143 19.89 8.18 -42.86
CA LEU A 143 19.40 9.56 -42.86
C LEU A 143 18.95 10.00 -41.47
N ALA A 144 18.31 9.09 -40.73
CA ALA A 144 17.86 9.40 -39.38
C ALA A 144 19.03 9.55 -38.40
N LEU A 145 20.15 8.90 -38.69
CA LEU A 145 21.38 9.05 -37.91
C LEU A 145 22.04 10.40 -38.16
N ASP A 146 22.03 10.83 -39.42
CA ASP A 146 22.57 12.13 -39.82
C ASP A 146 21.73 13.27 -39.23
N LYS A 147 20.40 13.13 -39.32
CA LYS A 147 19.48 14.19 -38.91
C LYS A 147 19.46 14.43 -37.39
N TYR A 148 19.36 13.34 -36.63
CA TYR A 148 19.15 13.42 -35.17
C TYR A 148 20.42 13.27 -34.34
N GLY A 149 21.47 12.72 -34.94
CA GLY A 149 22.76 12.58 -34.27
C GLY A 149 22.78 11.55 -33.17
N VAL A 150 23.70 11.74 -32.21
CA VAL A 150 23.93 10.79 -31.12
C VAL A 150 23.85 11.47 -29.74
N ASP A 151 24.02 10.67 -28.68
CA ASP A 151 23.91 11.14 -27.30
C ASP A 151 22.53 11.72 -27.00
N LEU A 152 21.51 10.90 -27.23
CA LEU A 152 20.11 11.26 -27.05
C LEU A 152 19.60 10.71 -25.72
N PRO A 153 18.57 11.33 -25.17
CA PRO A 153 18.00 10.83 -23.92
C PRO A 153 17.44 9.41 -24.04
N MET A 154 17.58 8.64 -22.97
CA MET A 154 17.06 7.27 -22.90
C MET A 154 15.61 7.35 -22.45
N ILE A 155 14.74 6.53 -23.01
CA ILE A 155 13.37 6.44 -22.53
C ILE A 155 13.31 5.35 -21.49
N THR A 156 12.79 5.67 -20.31
CA THR A 156 12.68 4.68 -19.24
C THR A 156 11.28 4.05 -19.26
N PHE A 157 11.24 2.77 -19.63
CA PHE A 157 10.04 1.94 -19.65
C PHE A 157 9.95 1.20 -18.32
N LEU A 158 8.75 0.71 -18.03
CA LEU A 158 8.52 -0.14 -16.87
C LEU A 158 8.44 -1.59 -17.34
N LYS A 159 9.19 -2.48 -16.69
CA LYS A 159 9.31 -3.86 -17.12
C LYS A 159 8.05 -4.64 -16.78
N ASP A 160 7.33 -5.06 -17.82
CA ASP A 160 6.11 -5.84 -17.69
C ASP A 160 6.48 -7.30 -17.48
N GLU A 161 6.41 -7.75 -16.23
CA GLU A 161 6.86 -9.09 -15.85
C GLU A 161 6.28 -9.54 -14.51
N LEU A 162 6.31 -10.85 -14.29
CA LEU A 162 5.96 -11.46 -13.00
C LEU A 162 6.91 -11.01 -11.90
N ARG A 163 6.34 -10.70 -10.72
CA ARG A 163 7.08 -10.36 -9.52
C ARG A 163 6.51 -11.06 -8.28
N LYS A 164 7.34 -11.25 -7.26
CA LYS A 164 6.86 -11.76 -5.97
C LYS A 164 5.81 -10.82 -5.40
N LYS A 165 4.86 -11.40 -4.64
CA LYS A 165 3.69 -10.66 -4.19
C LYS A 165 4.00 -9.42 -3.35
N ASP A 166 5.05 -9.46 -2.53
CA ASP A 166 5.41 -8.34 -1.67
C ASP A 166 5.95 -7.12 -2.42
N LYS A 167 6.43 -7.34 -3.65
CA LYS A 167 6.93 -6.26 -4.51
C LYS A 167 5.81 -5.58 -5.30
N ILE A 168 4.59 -6.11 -5.20
CA ILE A 168 3.46 -5.56 -5.95
C ILE A 168 2.86 -4.38 -5.19
N ALA A 169 2.57 -4.60 -3.91
CA ALA A 169 1.97 -3.57 -3.05
C ALA A 169 2.98 -2.47 -2.72
N ALA A 170 4.27 -2.79 -2.75
CA ALA A 170 5.34 -1.82 -2.51
C ALA A 170 5.75 -1.05 -3.78
N GLY A 171 5.08 -1.32 -4.90
CA GLY A 171 5.37 -0.63 -6.15
C GLY A 171 6.80 -0.80 -6.66
N LYS A 172 7.40 -1.94 -6.32
CA LYS A 172 8.78 -2.24 -6.68
C LYS A 172 8.82 -2.97 -8.01
N THR A 173 8.72 -2.20 -9.08
CA THR A 173 8.76 -2.72 -10.44
C THR A 173 10.01 -2.17 -11.11
N ARG A 174 10.67 -3.03 -11.88
CA ARG A 174 11.96 -2.70 -12.47
C ARG A 174 11.82 -1.69 -13.61
N VAL A 175 12.82 -0.83 -13.75
CA VAL A 175 12.90 0.12 -14.86
C VAL A 175 13.96 -0.35 -15.86
N ILE A 176 13.62 -0.31 -17.14
CA ILE A 176 14.58 -0.53 -18.21
C ILE A 176 14.69 0.79 -18.99
N GLU A 177 15.90 1.09 -19.46
CA GLU A 177 16.15 2.34 -20.15
C GLU A 177 16.53 2.08 -21.59
N ALA A 178 15.53 2.10 -22.46
CA ALA A 178 15.73 1.91 -23.89
C ALA A 178 16.39 3.13 -24.51
N SER A 179 17.66 2.99 -24.86
CA SER A 179 18.39 4.06 -25.54
C SER A 179 17.89 4.18 -26.98
N SER A 180 18.20 5.30 -27.61
CA SER A 180 17.84 5.53 -29.01
C SER A 180 18.59 4.53 -29.91
N ILE A 181 17.94 4.10 -30.99
CA ILE A 181 18.60 3.22 -31.98
C ILE A 181 19.87 3.87 -32.50
N ASN A 182 19.87 5.19 -32.58
CA ASN A 182 21.06 5.96 -32.95
C ASN A 182 22.26 5.60 -32.08
N ASP A 183 22.03 5.51 -30.77
CA ASP A 183 23.09 5.22 -29.81
C ASP A 183 23.45 3.75 -29.71
N THR A 184 22.49 2.84 -29.82
CA THR A 184 22.83 1.42 -29.85
C THR A 184 23.72 1.12 -31.04
N ILE A 185 23.40 1.72 -32.20
CA ILE A 185 24.23 1.55 -33.39
C ILE A 185 25.63 2.14 -33.20
N LEU A 186 25.74 3.27 -32.50
CA LEU A 186 27.05 3.84 -32.22
C LEU A 186 27.90 2.90 -31.34
N PHE A 187 27.30 2.36 -30.28
CA PHE A 187 28.01 1.47 -29.37
C PHE A 187 28.46 0.16 -30.05
N ARG A 188 27.61 -0.39 -30.91
CA ARG A 188 27.95 -1.58 -31.68
C ARG A 188 29.06 -1.31 -32.68
N THR A 189 29.03 -0.12 -33.29
CA THR A 189 30.05 0.33 -34.23
C THR A 189 31.41 0.41 -33.56
N VAL A 190 31.48 1.09 -32.43
CA VAL A 190 32.75 1.31 -31.75
C VAL A 190 33.27 0.02 -31.07
N TYR A 191 32.39 -0.65 -30.32
CA TYR A 191 32.80 -1.77 -29.46
C TYR A 191 32.40 -3.15 -29.99
N GLY A 192 31.88 -3.23 -31.22
CA GLY A 192 31.38 -4.47 -31.79
C GLY A 192 32.33 -5.65 -31.81
N ASN A 193 33.62 -5.39 -32.06
CA ASN A 193 34.60 -6.46 -32.11
C ASN A 193 34.91 -6.99 -30.71
N LEU A 194 34.77 -6.15 -29.69
CA LEU A 194 34.90 -6.60 -28.31
C LEU A 194 33.69 -7.42 -27.88
N PHE A 195 32.48 -6.96 -28.23
CA PHE A 195 31.25 -7.68 -27.92
C PHE A 195 31.26 -9.07 -28.55
N SER A 196 31.77 -9.16 -29.77
CA SER A 196 31.85 -10.42 -30.50
C SER A 196 32.80 -11.39 -29.79
N LYS A 197 33.99 -10.92 -29.43
CA LYS A 197 34.98 -11.79 -28.80
C LYS A 197 34.52 -12.34 -27.44
N PHE A 198 33.81 -11.53 -26.67
CA PHE A 198 33.29 -11.98 -25.37
C PHE A 198 32.23 -13.05 -25.57
N HIS A 199 31.27 -12.79 -26.45
CA HIS A 199 30.18 -13.76 -26.70
C HIS A 199 30.72 -15.11 -27.19
N LEU A 200 31.75 -15.07 -28.02
CA LEU A 200 32.35 -16.28 -28.60
C LEU A 200 33.32 -17.00 -27.64
N ASN A 201 33.70 -16.35 -26.54
CA ASN A 201 34.67 -16.89 -25.58
C ASN A 201 34.27 -16.64 -24.14
N PRO A 202 33.15 -17.22 -23.70
CA PRO A 202 32.78 -17.14 -22.29
C PRO A 202 33.77 -17.98 -21.51
N GLY A 203 34.16 -17.54 -20.32
CA GLY A 203 35.07 -18.30 -19.49
C GLY A 203 36.02 -17.43 -18.67
N VAL A 204 37.18 -17.99 -18.37
CA VAL A 204 38.06 -17.40 -17.37
C VAL A 204 39.11 -16.45 -17.95
N VAL A 205 39.14 -16.28 -19.27
CA VAL A 205 40.02 -15.29 -19.89
C VAL A 205 39.28 -13.96 -20.11
N THR A 206 38.06 -14.01 -20.66
CA THR A 206 37.19 -12.82 -20.66
C THR A 206 36.69 -12.51 -19.25
N GLY A 207 36.59 -13.55 -18.42
CA GLY A 207 36.02 -13.44 -17.10
C GLY A 207 34.52 -13.25 -17.12
N CYS A 208 33.89 -13.76 -18.17
CA CYS A 208 32.52 -13.44 -18.51
C CYS A 208 31.75 -14.66 -19.00
N ALA A 209 30.45 -14.70 -18.70
CA ALA A 209 29.59 -15.84 -19.07
C ALA A 209 28.54 -15.47 -20.13
N VAL A 210 28.60 -14.24 -20.66
CA VAL A 210 27.59 -13.79 -21.59
C VAL A 210 27.82 -14.53 -22.90
N GLY A 211 26.75 -15.11 -23.44
CA GLY A 211 26.85 -15.92 -24.65
C GLY A 211 27.09 -17.40 -24.41
N CYS A 212 27.13 -17.82 -23.15
CA CYS A 212 27.34 -19.23 -22.83
C CYS A 212 26.03 -19.99 -22.96
N ASP A 213 26.14 -21.31 -23.10
CA ASP A 213 25.00 -22.22 -23.05
C ASP A 213 25.19 -23.06 -21.80
N PRO A 214 24.38 -22.82 -20.77
CA PRO A 214 24.57 -23.53 -19.48
C PRO A 214 24.59 -25.06 -19.60
N GLU A 215 23.88 -25.61 -20.58
CA GLU A 215 23.81 -27.06 -20.75
C GLU A 215 25.18 -27.73 -20.95
N THR A 216 26.06 -27.07 -21.72
CA THR A 216 27.43 -27.57 -21.93
C THR A 216 28.49 -26.83 -21.09
N PHE A 217 28.27 -25.55 -20.84
CA PHE A 217 29.21 -24.69 -20.10
C PHE A 217 29.39 -25.11 -18.64
N TRP A 218 28.37 -25.74 -18.06
CA TRP A 218 28.39 -26.11 -16.66
C TRP A 218 29.48 -27.15 -16.35
N SER A 219 29.73 -28.05 -17.30
CA SER A 219 30.77 -29.06 -17.15
C SER A 219 32.17 -28.46 -17.15
N LYS A 220 32.32 -27.32 -17.82
CA LYS A 220 33.61 -26.66 -17.98
C LYS A 220 33.97 -25.81 -16.77
N ILE A 221 32.97 -25.30 -16.06
CA ILE A 221 33.22 -24.38 -14.95
C ILE A 221 34.19 -24.94 -13.88
N PRO A 222 33.99 -26.16 -13.40
CA PRO A 222 34.96 -26.77 -12.46
C PRO A 222 36.40 -26.90 -12.98
N LEU A 223 36.58 -27.06 -14.29
CA LEU A 223 37.92 -27.06 -14.91
C LEU A 223 38.57 -25.67 -14.86
N MET A 224 37.76 -24.65 -15.12
CA MET A 224 38.23 -23.27 -15.21
C MET A 224 38.47 -22.67 -13.83
N LEU A 225 37.54 -22.92 -12.92
CA LEU A 225 37.57 -22.39 -11.57
C LEU A 225 38.15 -23.45 -10.65
N ASP A 226 39.44 -23.68 -10.81
CA ASP A 226 40.18 -24.61 -9.95
C ASP A 226 40.75 -23.84 -8.77
N GLY A 227 41.02 -24.56 -7.69
CA GLY A 227 41.43 -23.97 -6.43
C GLY A 227 40.45 -24.45 -5.38
N ASP A 228 40.93 -24.58 -4.15
CA ASP A 228 40.13 -25.24 -3.10
C ASP A 228 38.85 -24.49 -2.74
N CYS A 229 38.76 -23.23 -3.12
CA CYS A 229 37.70 -22.34 -2.64
C CYS A 229 36.80 -21.88 -3.80
N ILE A 230 35.55 -22.33 -3.79
CA ILE A 230 34.54 -21.79 -4.66
C ILE A 230 33.81 -20.73 -3.86
N MET A 231 33.64 -19.55 -4.45
CA MET A 231 33.02 -18.42 -3.76
C MET A 231 32.00 -17.73 -4.64
N ALA A 232 30.97 -17.22 -4.00
CA ALA A 232 29.91 -16.46 -4.66
C ALA A 232 29.22 -15.64 -3.60
N PHE A 233 28.72 -14.47 -4.00
CA PHE A 233 27.83 -13.71 -3.15
C PHE A 233 26.94 -12.78 -3.97
N ASP A 234 25.93 -12.21 -3.32
CA ASP A 234 24.93 -11.40 -4.00
C ASP A 234 25.14 -9.91 -3.76
N TYR A 235 24.72 -9.11 -4.72
CA TYR A 235 24.73 -7.67 -4.61
C TYR A 235 23.32 -7.14 -4.36
N THR A 236 23.21 -6.07 -3.58
CA THR A 236 21.95 -5.34 -3.46
C THR A 236 22.02 -4.16 -4.43
N ASN A 237 21.13 -4.17 -5.43
CA ASN A 237 21.05 -3.08 -6.42
C ASN A 237 22.42 -2.79 -7.07
N TYR A 238 23.00 -3.82 -7.70
CA TYR A 238 24.32 -3.70 -8.34
C TYR A 238 24.39 -2.54 -9.33
N ASP A 239 23.49 -2.55 -10.32
CA ASP A 239 23.49 -1.55 -11.38
C ASP A 239 23.45 -0.13 -10.84
N GLY A 240 22.58 0.12 -9.87
CA GLY A 240 22.43 1.45 -9.28
C GLY A 240 23.59 1.90 -8.39
N SER A 241 24.32 0.95 -7.83
CA SER A 241 25.35 1.23 -6.83
C SER A 241 26.75 1.47 -7.40
N ILE A 242 26.92 1.34 -8.71
CA ILE A 242 28.26 1.47 -9.31
C ILE A 242 28.73 2.92 -9.41
N HIS A 243 29.67 3.27 -8.52
CA HIS A 243 30.25 4.60 -8.45
C HIS A 243 30.96 4.97 -9.77
N PRO A 244 30.98 6.26 -10.12
CA PRO A 244 31.81 6.77 -11.22
C PRO A 244 33.25 6.25 -11.35
N ILE A 245 33.92 5.88 -10.25
CA ILE A 245 35.32 5.44 -10.35
C ILE A 245 35.47 4.12 -11.12
N TRP A 246 34.46 3.25 -11.06
CA TRP A 246 34.50 1.98 -11.77
C TRP A 246 34.34 2.16 -13.28
N PHE A 247 33.72 3.25 -13.70
CA PHE A 247 33.67 3.65 -15.12
C PHE A 247 35.00 4.22 -15.62
N LYS A 248 35.68 4.98 -14.77
CA LYS A 248 37.05 5.41 -15.06
C LYS A 248 37.95 4.19 -15.21
N ALA A 249 37.82 3.23 -14.30
CA ALA A 249 38.57 1.97 -14.33
C ALA A 249 38.28 1.14 -15.59
N LEU A 250 37.02 1.05 -15.97
CA LEU A 250 36.62 0.39 -17.21
C LEU A 250 37.17 1.15 -18.42
N GLY A 251 37.08 2.47 -18.38
CA GLY A 251 37.66 3.32 -19.43
C GLY A 251 39.14 3.06 -19.61
N MET A 252 39.84 2.79 -18.51
CA MET A 252 41.26 2.50 -18.55
C MET A 252 41.55 1.13 -19.19
N VAL A 253 40.74 0.09 -18.92
CA VAL A 253 40.97 -1.21 -19.59
C VAL A 253 40.71 -1.11 -21.09
N LEU A 254 39.64 -0.42 -21.47
CA LEU A 254 39.32 -0.24 -22.88
C LEU A 254 40.45 0.49 -23.61
N ASP A 255 41.06 1.46 -22.93
CA ASP A 255 42.15 2.26 -23.48
C ASP A 255 43.41 1.41 -23.70
N ASN A 256 43.71 0.54 -22.75
CA ASN A 256 44.82 -0.41 -22.87
C ASN A 256 44.67 -1.37 -24.06
N LEU A 257 43.41 -1.64 -24.46
CA LEU A 257 43.09 -2.45 -25.64
C LEU A 257 42.88 -1.61 -26.91
N SER A 258 43.16 -0.32 -26.84
CA SER A 258 43.04 0.64 -27.95
C SER A 258 41.60 0.96 -28.39
N PHE A 259 40.66 0.75 -27.48
CA PHE A 259 39.26 1.12 -27.72
C PHE A 259 38.99 2.50 -27.13
N ASN A 260 38.01 3.17 -27.72
CA ASN A 260 37.46 4.42 -27.19
C ASN A 260 37.13 4.31 -25.69
N PRO A 261 37.82 5.08 -24.85
CA PRO A 261 37.60 5.03 -23.39
C PRO A 261 36.54 6.02 -22.86
N THR A 262 35.93 6.80 -23.74
CA THR A 262 35.12 7.98 -23.38
C THR A 262 33.62 7.79 -23.58
N LEU A 263 33.25 7.11 -24.66
CA LEU A 263 31.85 6.88 -24.99
C LEU A 263 31.12 6.28 -23.79
N ILE A 264 31.88 5.50 -23.02
CA ILE A 264 31.39 4.85 -21.81
C ILE A 264 30.79 5.79 -20.74
N ASN A 265 31.28 7.03 -20.65
CA ASN A 265 30.81 7.95 -19.62
C ASN A 265 29.39 8.52 -19.85
N ARG A 266 28.84 8.27 -21.04
CA ARG A 266 27.43 8.54 -21.34
C ARG A 266 26.47 7.57 -20.64
N LEU A 267 26.98 6.41 -20.24
CA LEU A 267 26.27 5.47 -19.38
C LEU A 267 26.34 5.93 -17.91
N CYS A 268 27.52 6.36 -17.49
CA CYS A 268 27.75 6.86 -16.13
C CYS A 268 26.92 8.13 -15.84
N ASN A 269 27.10 9.14 -16.68
CA ASN A 269 26.38 10.40 -16.63
C ASN A 269 25.32 10.40 -17.72
N SER A 270 24.14 9.87 -17.38
CA SER A 270 23.11 9.58 -18.36
C SER A 270 21.92 10.54 -18.27
N LYS A 271 21.16 10.61 -19.37
CA LYS A 271 20.00 11.48 -19.48
C LYS A 271 18.78 10.66 -19.92
N HIS A 272 17.63 11.01 -19.35
CA HIS A 272 16.46 10.15 -19.39
C HIS A 272 15.16 10.96 -19.53
N ILE A 273 14.13 10.31 -20.06
CA ILE A 273 12.76 10.82 -19.96
C ILE A 273 11.87 9.69 -19.43
N PHE A 274 11.17 9.99 -18.33
CA PHE A 274 10.10 9.15 -17.83
C PHE A 274 8.82 9.96 -17.79
N LYS A 275 7.83 9.53 -18.57
CA LYS A 275 6.53 10.21 -18.66
C LYS A 275 6.71 11.68 -19.02
N SER A 276 6.55 12.57 -18.03
CA SER A 276 6.62 14.00 -18.24
C SER A 276 7.79 14.65 -17.50
N THR A 277 8.83 13.89 -17.19
CA THR A 277 10.00 14.46 -16.52
C THR A 277 11.34 14.05 -17.17
N TYR A 278 12.14 15.07 -17.52
CA TYR A 278 13.52 14.88 -17.96
C TYR A 278 14.42 14.89 -16.72
N TYR A 279 15.33 13.93 -16.64
CA TYR A 279 16.27 13.86 -15.52
C TYR A 279 17.62 13.28 -15.92
N GLU A 280 18.64 13.61 -15.14
CA GLU A 280 20.00 13.17 -15.38
C GLU A 280 20.55 12.49 -14.12
N VAL A 281 21.32 11.42 -14.30
CA VAL A 281 21.88 10.68 -13.18
C VAL A 281 23.39 10.55 -13.32
N GLU A 282 24.12 10.70 -12.22
CA GLU A 282 25.55 10.47 -12.16
C GLU A 282 25.77 9.17 -11.37
N GLY A 283 26.59 8.29 -11.90
CA GLY A 283 26.73 6.95 -11.35
C GLY A 283 25.60 6.01 -11.76
N GLY A 284 25.86 4.72 -11.60
CA GLY A 284 24.91 3.69 -11.96
C GLY A 284 25.03 3.33 -13.43
N VAL A 285 24.77 2.08 -13.75
CA VAL A 285 24.72 1.64 -15.14
C VAL A 285 23.24 1.55 -15.50
N PRO A 286 22.83 2.20 -16.59
CA PRO A 286 21.44 2.08 -17.06
C PRO A 286 21.06 0.64 -17.38
N SER A 287 19.99 0.17 -16.78
CA SER A 287 19.61 -1.23 -16.91
C SER A 287 18.89 -1.45 -18.24
N GLY A 288 19.55 -2.15 -19.17
CA GLY A 288 18.90 -2.66 -20.36
C GLY A 288 19.17 -1.94 -21.67
N CYS A 289 20.43 -1.63 -21.96
CA CYS A 289 20.77 -1.07 -23.27
C CYS A 289 22.19 -1.46 -23.75
N SER A 290 22.80 -0.62 -24.57
CA SER A 290 24.02 -0.93 -25.31
C SER A 290 25.20 -1.53 -24.53
N GLY A 291 25.43 -2.84 -24.69
CA GLY A 291 26.58 -3.50 -24.09
C GLY A 291 26.52 -3.63 -22.59
N THR A 292 25.32 -3.47 -22.04
CA THR A 292 25.09 -3.45 -20.60
C THR A 292 25.66 -4.68 -19.89
N SER A 293 25.37 -5.87 -20.41
CA SER A 293 25.76 -7.10 -19.72
C SER A 293 27.27 -7.30 -19.73
N ILE A 294 27.91 -6.97 -20.85
CA ILE A 294 29.36 -7.09 -20.97
C ILE A 294 30.13 -6.06 -20.12
N PHE A 295 29.70 -4.80 -20.16
CA PHE A 295 30.38 -3.73 -19.42
C PHE A 295 30.27 -3.99 -17.92
N ASN A 296 29.08 -4.40 -17.48
CA ASN A 296 28.86 -4.82 -16.09
C ASN A 296 29.72 -5.99 -15.66
N SER A 297 29.95 -6.94 -16.57
CA SER A 297 30.81 -8.10 -16.32
C SER A 297 32.26 -7.68 -16.16
N MET A 298 32.71 -6.79 -17.04
CA MET A 298 34.08 -6.27 -17.01
C MET A 298 34.33 -5.48 -15.72
N ILE A 299 33.34 -4.68 -15.32
CA ILE A 299 33.38 -3.93 -14.07
C ILE A 299 33.44 -4.86 -12.86
N ASN A 300 32.66 -5.92 -12.88
CA ASN A 300 32.67 -6.92 -11.81
C ASN A 300 34.04 -7.58 -11.67
N ASN A 301 34.73 -7.76 -12.79
CA ASN A 301 36.08 -8.31 -12.79
C ASN A 301 37.07 -7.39 -12.07
N ILE A 302 36.89 -6.08 -12.24
CA ILE A 302 37.72 -5.09 -11.57
C ILE A 302 37.41 -5.10 -10.07
N ILE A 303 36.13 -5.08 -9.72
CA ILE A 303 35.70 -5.00 -8.32
C ILE A 303 36.21 -6.17 -7.52
N ILE A 304 35.99 -7.37 -8.03
CA ILE A 304 36.34 -8.58 -7.29
C ILE A 304 37.84 -8.63 -7.04
N ARG A 305 38.62 -8.21 -8.03
CA ARG A 305 40.07 -8.15 -7.91
C ARG A 305 40.47 -7.19 -6.80
N THR A 306 39.92 -5.98 -6.84
CA THR A 306 40.32 -4.96 -5.86
C THR A 306 39.84 -5.30 -4.46
N LEU A 307 38.65 -5.89 -4.32
CA LEU A 307 38.10 -6.27 -3.02
C LEU A 307 38.91 -7.37 -2.34
N VAL A 308 39.37 -8.34 -3.11
CA VAL A 308 40.24 -9.39 -2.57
C VAL A 308 41.58 -8.78 -2.17
N LEU A 309 42.05 -7.83 -2.98
CA LEU A 309 43.31 -7.14 -2.72
C LEU A 309 43.22 -6.31 -1.45
N ASP A 310 42.07 -5.69 -1.19
CA ASP A 310 41.87 -4.82 -0.03
C ASP A 310 41.87 -5.65 1.25
N ALA A 311 41.31 -6.85 1.17
CA ALA A 311 41.13 -7.72 2.34
C ALA A 311 42.40 -8.54 2.69
N TYR A 312 43.19 -8.85 1.66
CA TYR A 312 44.37 -9.70 1.78
C TYR A 312 45.48 -9.09 0.94
N LYS A 313 46.68 -8.94 1.49
CA LYS A 313 47.73 -8.22 0.77
C LYS A 313 48.99 -9.04 0.42
N HIS A 314 48.84 -10.36 0.31
CA HIS A 314 49.85 -11.20 -0.35
C HIS A 314 49.18 -12.05 -1.45
N ILE A 315 48.32 -11.41 -2.23
CA ILE A 315 47.47 -12.12 -3.18
C ILE A 315 48.11 -12.24 -4.56
N ASP A 316 47.87 -13.36 -5.20
CA ASP A 316 48.34 -13.63 -6.55
C ASP A 316 47.13 -13.65 -7.49
N LEU A 317 46.99 -12.59 -8.28
CA LEU A 317 45.81 -12.41 -9.14
C LEU A 317 45.72 -13.41 -10.29
N ASP A 318 46.86 -14.00 -10.67
CA ASP A 318 46.89 -15.11 -11.62
C ASP A 318 46.06 -16.32 -11.13
N LYS A 319 45.93 -16.48 -9.81
CA LYS A 319 45.21 -17.59 -9.21
C LYS A 319 43.77 -17.24 -8.79
N LEU A 320 43.34 -16.01 -9.04
CA LEU A 320 41.96 -15.56 -8.77
C LEU A 320 41.14 -15.71 -10.05
N LYS A 321 40.47 -16.84 -10.18
CA LYS A 321 39.73 -17.16 -11.39
C LYS A 321 38.31 -16.61 -11.23
N ILE A 322 37.85 -15.82 -12.20
CA ILE A 322 36.55 -15.15 -12.11
C ILE A 322 35.70 -15.38 -13.37
N ILE A 323 34.42 -15.66 -13.16
CA ILE A 323 33.42 -15.66 -14.24
C ILE A 323 32.19 -14.86 -13.82
N ALA A 324 31.87 -13.80 -14.56
CA ALA A 324 30.76 -12.91 -14.22
C ALA A 324 29.75 -12.78 -15.36
N TYR A 325 28.46 -12.74 -15.01
CA TYR A 325 27.39 -12.37 -15.94
C TYR A 325 26.67 -11.17 -15.34
N GLY A 326 27.10 -9.97 -15.71
CA GLY A 326 26.60 -8.76 -15.09
C GLY A 326 26.95 -8.75 -13.61
N ASP A 327 25.92 -8.65 -12.78
CA ASP A 327 26.09 -8.61 -11.33
C ASP A 327 26.36 -9.98 -10.70
N ASP A 328 26.04 -11.04 -11.44
CA ASP A 328 26.16 -12.41 -10.97
C ASP A 328 27.59 -12.88 -11.20
N VAL A 329 28.26 -13.32 -10.13
CA VAL A 329 29.65 -13.74 -10.23
C VAL A 329 29.97 -14.97 -9.38
N ILE A 330 30.82 -15.82 -9.93
CA ILE A 330 31.40 -16.94 -9.20
C ILE A 330 32.91 -16.91 -9.44
N PHE A 331 33.67 -17.22 -8.40
CA PHE A 331 35.14 -17.15 -8.50
C PHE A 331 35.85 -18.13 -7.57
N SER A 332 37.15 -18.32 -7.80
CA SER A 332 37.95 -19.21 -6.97
C SER A 332 39.35 -18.67 -6.76
N TYR A 333 39.99 -19.15 -5.69
CA TYR A 333 41.37 -18.83 -5.39
C TYR A 333 42.07 -20.12 -4.99
N LYS A 334 43.40 -20.16 -5.10
CA LYS A 334 44.16 -21.38 -4.83
C LYS A 334 43.96 -21.94 -3.41
N TYR A 335 43.65 -21.06 -2.45
CA TYR A 335 43.25 -21.51 -1.10
C TYR A 335 42.07 -20.70 -0.55
N LYS A 336 41.63 -21.07 0.66
CA LYS A 336 40.41 -20.52 1.27
C LYS A 336 40.51 -19.04 1.63
N LEU A 337 39.53 -18.26 1.15
CA LEU A 337 39.37 -16.87 1.54
C LEU A 337 38.05 -16.72 2.29
N ASP A 338 37.97 -15.68 3.14
CA ASP A 338 36.77 -15.40 3.92
C ASP A 338 35.89 -14.46 3.10
N MET A 339 34.73 -14.94 2.69
CA MET A 339 33.82 -14.15 1.85
C MET A 339 33.26 -12.94 2.61
N GLU A 340 33.09 -13.07 3.92
CA GLU A 340 32.69 -11.93 4.74
C GLU A 340 33.76 -10.84 4.71
N ALA A 341 35.02 -11.23 4.83
CA ALA A 341 36.12 -10.25 4.79
C ALA A 341 36.14 -9.48 3.46
N ILE A 342 35.93 -10.18 2.36
CA ILE A 342 35.95 -9.58 1.02
C ILE A 342 34.74 -8.67 0.80
N ALA A 343 33.58 -9.10 1.30
CA ALA A 343 32.34 -8.36 1.16
C ALA A 343 32.37 -7.02 1.91
N LYS A 344 33.00 -7.01 3.08
CA LYS A 344 33.12 -5.80 3.90
C LYS A 344 33.85 -4.69 3.19
N GLU A 345 34.86 -5.04 2.39
CA GLU A 345 35.66 -4.08 1.62
C GLU A 345 34.85 -3.33 0.55
N GLY A 346 33.63 -3.79 0.29
CA GLY A 346 32.76 -3.16 -0.68
C GLY A 346 32.11 -1.88 -0.19
N GLN A 347 31.85 -1.81 1.12
CA GLN A 347 31.10 -0.70 1.73
C GLN A 347 31.68 0.67 1.43
N LYS A 348 33.00 0.78 1.49
CA LYS A 348 33.67 2.07 1.28
C LYS A 348 33.55 2.58 -0.15
N TYR A 349 33.26 1.68 -1.10
CA TYR A 349 32.97 2.05 -2.49
C TYR A 349 31.47 2.28 -2.75
N GLY A 350 30.62 1.87 -1.79
CA GLY A 350 29.17 1.98 -1.93
C GLY A 350 28.54 0.75 -2.52
N LEU A 351 29.28 -0.37 -2.51
CA LEU A 351 28.70 -1.66 -2.86
C LEU A 351 28.13 -2.32 -1.61
N THR A 352 26.98 -2.99 -1.78
CA THR A 352 26.34 -3.74 -0.70
C THR A 352 26.35 -5.22 -1.07
N ILE A 353 27.06 -6.03 -0.31
CA ILE A 353 27.21 -7.44 -0.61
C ILE A 353 26.70 -8.27 0.56
N THR A 354 25.75 -9.17 0.28
CA THR A 354 25.18 -10.10 1.26
C THR A 354 25.54 -11.53 0.90
N PRO A 355 25.36 -12.47 1.83
CA PRO A 355 25.57 -13.90 1.53
C PRO A 355 24.69 -14.42 0.39
N ALA A 356 25.18 -15.40 -0.35
CA ALA A 356 24.48 -15.96 -1.50
C ALA A 356 23.15 -16.62 -1.15
N ASP A 357 22.18 -16.51 -2.07
CA ASP A 357 20.88 -17.17 -1.94
C ASP A 357 20.14 -16.77 -0.67
N LYS A 358 20.09 -15.46 -0.42
CA LYS A 358 19.41 -14.87 0.74
C LYS A 358 19.70 -15.59 2.07
N SER A 359 20.96 -16.01 2.23
CA SER A 359 21.40 -16.73 3.44
C SER A 359 21.58 -15.75 4.60
N SER A 360 21.62 -16.27 5.83
CA SER A 360 21.78 -15.44 7.03
C SER A 360 23.24 -15.09 7.27
N GLU A 361 24.11 -16.09 7.10
CA GLU A 361 25.53 -15.94 7.39
C GLU A 361 26.38 -16.24 6.15
N PHE A 362 27.60 -15.72 6.15
CA PHE A 362 28.58 -16.04 5.11
C PHE A 362 29.21 -17.40 5.43
N LYS A 363 28.78 -18.44 4.72
CA LYS A 363 29.28 -19.81 4.93
C LYS A 363 30.03 -20.35 3.72
N GLU A 364 30.90 -21.34 3.95
CA GLU A 364 31.70 -21.95 2.87
C GLU A 364 30.79 -22.65 1.85
N LEU A 365 31.22 -22.58 0.59
CA LEU A 365 30.46 -23.15 -0.52
C LEU A 365 31.28 -24.22 -1.24
N ASP A 366 30.57 -25.17 -1.82
CA ASP A 366 31.11 -26.10 -2.82
C ASP A 366 30.12 -26.17 -4.00
N TYR A 367 30.37 -27.04 -4.97
CA TYR A 367 29.46 -27.20 -6.11
C TYR A 367 28.11 -27.84 -5.75
N GLY A 368 28.00 -28.38 -4.54
CA GLY A 368 26.75 -28.94 -4.04
C GLY A 368 25.68 -27.92 -3.75
N ASN A 369 26.06 -26.71 -3.36
CA ASN A 369 25.11 -25.65 -2.98
C ASN A 369 25.36 -24.27 -3.61
N VAL A 370 26.36 -24.16 -4.47
CA VAL A 370 26.66 -22.88 -5.14
C VAL A 370 25.66 -22.63 -6.28
N THR A 371 25.35 -21.36 -6.51
CA THR A 371 24.44 -20.94 -7.57
C THR A 371 25.11 -19.99 -8.56
N PHE A 372 24.73 -20.08 -9.83
CA PHE A 372 25.20 -19.19 -10.89
C PHE A 372 24.13 -19.14 -11.99
N LEU A 373 23.73 -17.94 -12.37
CA LEU A 373 22.60 -17.74 -13.27
C LEU A 373 21.34 -18.47 -12.79
N LYS A 374 21.04 -18.31 -11.49
CA LYS A 374 19.91 -18.97 -10.80
C LYS A 374 20.01 -20.50 -10.67
N ARG A 375 21.06 -21.11 -11.23
CA ARG A 375 21.13 -22.55 -11.37
C ARG A 375 22.12 -23.17 -10.39
N GLY A 376 21.80 -24.37 -9.91
CA GLY A 376 22.75 -25.16 -9.14
C GLY A 376 23.56 -26.11 -10.03
N PHE A 377 24.34 -26.98 -9.41
CA PHE A 377 25.27 -27.87 -10.11
C PHE A 377 25.10 -29.31 -9.61
N ARG A 378 24.83 -30.23 -10.51
CA ARG A 378 24.55 -31.62 -10.14
C ARG A 378 25.21 -32.58 -11.13
N GLN A 379 26.04 -33.50 -10.62
CA GLN A 379 26.69 -34.49 -11.46
C GLN A 379 25.67 -35.41 -12.11
N ASP A 380 25.93 -35.78 -13.37
CA ASP A 380 25.09 -36.72 -14.10
C ASP A 380 25.18 -38.10 -13.48
N ASP A 381 24.13 -38.89 -13.69
CA ASP A 381 23.99 -40.23 -13.12
C ASP A 381 25.06 -41.21 -13.67
N LYS A 382 25.12 -41.31 -14.99
CA LYS A 382 26.03 -42.24 -15.69
C LYS A 382 27.45 -41.68 -15.83
N TYR A 383 27.56 -40.43 -16.26
CA TYR A 383 28.84 -39.76 -16.51
C TYR A 383 29.05 -38.61 -15.51
N LYS A 384 29.74 -38.90 -14.41
CA LYS A 384 29.88 -37.94 -13.31
C LYS A 384 30.65 -36.64 -13.67
N PHE A 385 31.37 -36.66 -14.80
CA PHE A 385 32.10 -35.48 -15.27
C PHE A 385 31.22 -34.44 -15.99
N LEU A 386 30.08 -34.88 -16.52
CA LEU A 386 29.09 -33.99 -17.11
C LEU A 386 28.16 -33.41 -16.04
N ILE A 387 28.08 -32.09 -15.96
CA ILE A 387 27.31 -31.41 -14.90
C ILE A 387 25.98 -30.83 -15.42
N HIS A 388 24.88 -31.25 -14.80
CA HIS A 388 23.55 -30.68 -15.06
C HIS A 388 23.40 -29.28 -14.47
N PRO A 389 22.97 -28.30 -15.28
CA PRO A 389 22.50 -27.03 -14.74
C PRO A 389 21.08 -27.16 -14.20
N THR A 390 20.90 -26.75 -12.95
CA THR A 390 19.73 -27.06 -12.15
C THR A 390 18.88 -25.79 -11.95
N PHE A 391 17.82 -25.64 -12.72
CA PHE A 391 16.98 -24.44 -12.64
C PHE A 391 15.92 -24.64 -11.54
N PRO A 392 15.67 -23.64 -10.69
CA PRO A 392 14.73 -23.81 -9.57
C PRO A 392 13.31 -24.20 -9.99
N VAL A 393 12.80 -25.28 -9.40
CA VAL A 393 11.47 -25.82 -9.68
C VAL A 393 10.38 -24.76 -9.46
N GLU A 394 10.53 -23.97 -8.41
CA GLU A 394 9.56 -22.93 -8.05
C GLU A 394 9.38 -21.89 -9.15
N GLU A 395 10.48 -21.46 -9.76
CA GLU A 395 10.42 -20.46 -10.84
C GLU A 395 9.70 -20.99 -12.09
N ILE A 396 9.84 -22.29 -12.35
CA ILE A 396 9.17 -22.96 -13.47
C ILE A 396 7.66 -23.06 -13.22
N TYR A 397 7.28 -23.37 -11.97
CA TYR A 397 5.86 -23.42 -11.61
C TYR A 397 5.16 -22.07 -11.77
N GLU A 398 5.82 -20.99 -11.38
CA GLU A 398 5.23 -19.66 -11.51
C GLU A 398 5.17 -19.19 -12.96
N SER A 399 6.20 -19.49 -13.74
CA SER A 399 6.26 -19.10 -15.14
C SER A 399 5.15 -19.74 -15.98
N ILE A 400 4.89 -21.02 -15.77
CA ILE A 400 3.89 -21.74 -16.57
C ILE A 400 2.45 -21.26 -16.33
N ARG A 401 2.22 -20.66 -15.17
CA ARG A 401 0.89 -20.16 -14.79
C ARG A 401 0.41 -18.91 -15.54
N TRP A 402 1.28 -18.26 -16.31
CA TRP A 402 0.93 -17.03 -17.07
C TRP A 402 1.45 -17.05 -18.51
N THR A 403 0.73 -16.36 -19.42
CA THR A 403 1.16 -16.16 -20.81
C THR A 403 1.00 -14.71 -21.26
N LYS A 404 1.84 -14.29 -22.19
CA LYS A 404 1.65 -13.05 -22.94
C LYS A 404 1.03 -13.33 -24.30
N LYS A 405 1.03 -14.61 -24.72
CA LYS A 405 0.40 -15.02 -25.97
C LYS A 405 0.05 -16.51 -25.93
N PRO A 406 -1.25 -16.83 -25.82
CA PRO A 406 -1.71 -18.23 -25.78
C PRO A 406 -1.33 -19.11 -26.99
N SER A 407 -1.16 -18.51 -28.18
CA SER A 407 -0.83 -19.25 -29.40
C SER A 407 0.53 -19.95 -29.33
N GLN A 408 1.47 -19.35 -28.60
CA GLN A 408 2.84 -19.87 -28.50
C GLN A 408 3.06 -20.69 -27.21
N MET A 409 2.03 -21.44 -26.82
CA MET A 409 2.11 -22.25 -25.60
C MET A 409 3.03 -23.46 -25.76
N GLN A 410 3.07 -24.05 -26.95
CA GLN A 410 3.93 -25.19 -27.24
C GLN A 410 5.41 -24.85 -27.07
N GLU A 411 5.77 -23.63 -27.47
CA GLU A 411 7.14 -23.16 -27.36
C GLU A 411 7.47 -22.85 -25.89
N HIS A 412 6.54 -22.20 -25.20
CA HIS A 412 6.69 -21.85 -23.78
C HIS A 412 6.94 -23.09 -22.93
N VAL A 413 6.11 -24.12 -23.10
CA VAL A 413 6.17 -25.34 -22.29
C VAL A 413 7.44 -26.15 -22.63
N LEU A 414 7.81 -26.18 -23.89
CA LEU A 414 9.01 -26.88 -24.33
C LEU A 414 10.27 -26.26 -23.69
N SER A 415 10.32 -24.94 -23.62
CA SER A 415 11.39 -24.23 -22.94
C SER A 415 11.48 -24.61 -21.46
N LEU A 416 10.31 -24.68 -20.81
CA LEU A 416 10.23 -25.08 -19.40
C LEU A 416 10.67 -26.52 -19.19
N CYS A 417 10.32 -27.41 -20.10
CA CYS A 417 10.74 -28.82 -20.07
C CYS A 417 12.27 -28.95 -20.15
N HIS A 418 12.88 -28.16 -21.03
CA HIS A 418 14.34 -28.20 -21.24
C HIS A 418 15.11 -27.76 -20.00
N LEU A 419 14.48 -26.89 -19.20
CA LEU A 419 15.00 -26.49 -17.89
C LEU A 419 14.73 -27.54 -16.83
N MET A 420 13.51 -28.09 -16.83
CA MET A 420 12.99 -28.90 -15.73
C MET A 420 13.68 -30.26 -15.57
N TRP A 421 13.94 -30.93 -16.69
CA TRP A 421 14.38 -32.33 -16.65
C TRP A 421 15.71 -32.52 -15.94
N HIS A 422 16.56 -31.50 -15.98
CA HIS A 422 17.85 -31.49 -15.30
C HIS A 422 17.74 -31.71 -13.79
N ASN A 423 16.57 -31.42 -13.22
CA ASN A 423 16.29 -31.66 -11.79
C ASN A 423 15.96 -33.12 -11.46
N GLY A 424 15.90 -33.97 -12.47
CA GLY A 424 15.74 -35.41 -12.29
C GLY A 424 14.46 -35.95 -12.89
N PRO A 425 14.42 -37.26 -13.14
CA PRO A 425 13.26 -37.90 -13.76
C PRO A 425 12.00 -37.85 -12.89
N GLU A 426 12.17 -37.98 -11.58
CA GLU A 426 11.05 -37.93 -10.63
C GLU A 426 10.29 -36.59 -10.67
N ILE A 427 11.02 -35.48 -10.60
CA ILE A 427 10.39 -34.15 -10.65
C ILE A 427 9.82 -33.90 -12.04
N TYR A 428 10.47 -34.45 -13.07
CA TYR A 428 10.05 -34.24 -14.45
C TYR A 428 8.78 -35.03 -14.78
N LYS A 429 8.68 -36.25 -14.26
CA LYS A 429 7.48 -37.06 -14.50
C LYS A 429 6.26 -36.45 -13.82
N ASP A 430 6.44 -35.89 -12.64
CA ASP A 430 5.40 -35.12 -11.95
C ASP A 430 4.97 -33.91 -12.79
N PHE A 431 5.94 -33.23 -13.40
CA PHE A 431 5.69 -32.06 -14.25
C PHE A 431 4.82 -32.44 -15.45
N GLU A 432 5.15 -33.56 -16.09
CA GLU A 432 4.44 -34.05 -17.26
C GLU A 432 3.00 -34.41 -16.94
N THR A 433 2.80 -35.08 -15.80
CA THR A 433 1.47 -35.54 -15.39
C THR A 433 0.52 -34.37 -15.12
N LYS A 434 1.03 -33.34 -14.45
CA LYS A 434 0.23 -32.15 -14.17
C LYS A 434 -0.13 -31.42 -15.46
N ILE A 435 0.80 -31.36 -16.41
CA ILE A 435 0.55 -30.72 -17.70
C ILE A 435 -0.54 -31.47 -18.49
N ARG A 436 -0.55 -32.80 -18.38
CA ARG A 436 -1.49 -33.65 -19.11
C ARG A 436 -2.82 -33.91 -18.36
N SER A 437 -3.07 -33.16 -17.28
CA SER A 437 -4.33 -33.23 -16.56
C SER A 437 -5.42 -32.33 -17.18
N VAL A 438 -5.00 -31.38 -18.02
CA VAL A 438 -5.90 -30.54 -18.78
C VAL A 438 -5.74 -30.90 -20.26
N SER A 439 -6.80 -30.72 -21.05
CA SER A 439 -6.77 -31.14 -22.45
C SER A 439 -5.89 -30.28 -23.34
N ALA A 440 -5.64 -29.03 -22.96
CA ALA A 440 -4.71 -28.17 -23.71
C ALA A 440 -3.27 -28.69 -23.63
N GLY A 441 -2.91 -29.29 -22.49
CA GLY A 441 -1.61 -29.91 -22.31
C GLY A 441 -1.49 -31.28 -22.96
N ARG A 442 -2.62 -31.99 -23.07
CA ARG A 442 -2.71 -33.24 -23.83
C ARG A 442 -2.37 -33.01 -25.30
N ALA A 443 -2.75 -31.84 -25.82
CA ALA A 443 -2.53 -31.51 -27.23
C ALA A 443 -1.06 -31.21 -27.56
N LEU A 444 -0.27 -30.85 -26.54
CA LEU A 444 1.12 -30.47 -26.77
C LEU A 444 2.06 -31.66 -26.89
N TYR A 445 3.16 -31.47 -27.60
CA TYR A 445 4.31 -32.35 -27.50
C TYR A 445 5.08 -32.04 -26.20
N ILE A 446 5.12 -33.02 -25.30
CA ILE A 446 5.97 -32.97 -24.11
C ILE A 446 7.04 -34.04 -24.27
N PRO A 447 8.30 -33.63 -24.39
CA PRO A 447 9.39 -34.61 -24.60
C PRO A 447 9.56 -35.55 -23.40
N PRO A 448 9.77 -36.84 -23.65
CA PRO A 448 10.05 -37.77 -22.55
C PRO A 448 11.44 -37.53 -21.98
N TYR A 449 11.64 -37.93 -20.73
CA TYR A 449 12.92 -37.73 -20.06
C TYR A 449 14.11 -38.31 -20.83
N GLU A 450 13.94 -39.54 -21.33
CA GLU A 450 15.02 -40.27 -21.99
C GLU A 450 15.50 -39.60 -23.28
N LEU A 451 14.59 -38.99 -24.04
CA LEU A 451 14.96 -38.26 -25.26
C LEU A 451 15.69 -36.95 -24.92
N LEU A 452 15.28 -36.28 -23.85
CA LEU A 452 15.95 -35.06 -23.40
C LEU A 452 17.41 -35.37 -23.01
N ARG A 453 17.60 -36.48 -22.30
CA ARG A 453 18.92 -36.87 -21.79
C ARG A 453 19.85 -37.25 -22.92
N HIS A 454 19.30 -37.91 -23.94
CA HIS A 454 20.05 -38.36 -25.11
C HIS A 454 20.43 -37.19 -26.00
N GLU A 455 19.51 -36.24 -26.14
CA GLU A 455 19.76 -35.01 -26.88
C GLU A 455 20.89 -34.16 -26.24
N TRP A 456 20.94 -34.17 -24.91
CA TRP A 456 21.93 -33.40 -24.14
C TRP A 456 23.33 -33.96 -24.35
N TYR A 457 23.48 -35.28 -24.19
CA TYR A 457 24.75 -35.96 -24.42
C TYR A 457 25.34 -35.57 -25.78
N GLU A 458 24.47 -35.47 -26.78
CA GLU A 458 24.89 -35.17 -28.15
C GLU A 458 25.27 -33.72 -28.42
N LYS A 459 24.95 -32.80 -27.50
CA LYS A 459 25.35 -31.40 -27.62
C LYS A 459 26.83 -31.18 -27.32
N PHE A 460 27.41 -32.04 -26.49
CA PHE A 460 28.81 -31.91 -26.07
C PHE A 460 29.77 -32.18 -27.23
N GLY B 1 -18.90 23.74 26.54
CA GLY B 1 -19.83 24.50 25.65
C GLY B 1 -20.41 25.70 26.37
N GLN B 2 -20.10 26.89 25.88
CA GLN B 2 -20.55 28.14 26.48
C GLN B 2 -21.31 28.95 25.43
N ILE B 3 -22.58 29.24 25.69
CA ILE B 3 -23.32 30.14 24.83
C ILE B 3 -22.78 31.56 25.03
N GLN B 4 -22.18 32.11 23.98
CA GLN B 4 -21.59 33.45 24.02
C GLN B 4 -22.54 34.53 23.48
N ILE B 5 -23.45 34.14 22.57
CA ILE B 5 -24.37 35.07 21.93
C ILE B 5 -25.73 34.40 21.75
N SER B 6 -26.80 35.13 22.05
CA SER B 6 -28.17 34.68 21.82
C SER B 6 -29.08 35.85 21.41
N LYS B 7 -29.60 35.77 20.20
CA LYS B 7 -30.40 36.85 19.60
C LYS B 7 -31.71 36.33 19.00
N HIS B 8 -32.75 37.15 19.05
CA HIS B 8 -33.96 36.87 18.30
C HIS B 8 -33.62 37.00 16.82
N VAL B 9 -34.19 36.09 16.05
CA VAL B 9 -33.85 35.89 14.66
C VAL B 9 -34.22 37.14 13.81
N LYS B 10 -35.32 37.80 14.16
CA LYS B 10 -35.74 39.02 13.48
C LYS B 10 -34.78 40.21 13.67
N ASP B 11 -34.01 40.18 14.77
CA ASP B 11 -33.06 41.26 15.08
C ASP B 11 -31.70 41.15 14.37
N VAL B 12 -31.47 40.06 13.64
CA VAL B 12 -30.21 39.85 12.92
C VAL B 12 -30.43 39.36 11.48
N GLY B 13 -31.55 39.75 10.87
CA GLY B 13 -31.79 39.52 9.46
C GLY B 13 -31.97 38.08 9.02
N LEU B 14 -32.42 37.23 9.94
CA LEU B 14 -32.63 35.82 9.66
C LEU B 14 -34.11 35.47 9.83
N PRO B 15 -34.60 34.47 9.10
CA PRO B 15 -35.97 33.98 9.24
C PRO B 15 -36.09 32.91 10.34
N SER B 16 -37.34 32.56 10.67
CA SER B 16 -37.62 31.43 11.54
C SER B 16 -37.40 30.13 10.76
N ILE B 17 -36.83 29.12 11.41
CA ILE B 17 -36.67 27.80 10.81
C ILE B 17 -37.75 26.89 11.36
N HIS B 18 -38.53 26.29 10.46
CA HIS B 18 -39.58 25.36 10.85
C HIS B 18 -39.05 23.93 10.76
N THR B 19 -38.96 23.28 11.92
CA THR B 19 -38.46 21.91 12.05
C THR B 19 -39.63 20.98 12.41
N PRO B 20 -39.58 19.71 11.97
CA PRO B 20 -40.58 18.70 12.37
C PRO B 20 -40.94 18.71 13.86
N THR B 21 -42.24 18.78 14.13
CA THR B 21 -42.78 18.92 15.48
C THR B 21 -43.56 17.66 15.95
N LYS B 22 -43.92 16.78 15.01
CA LYS B 22 -44.66 15.55 15.31
C LYS B 22 -43.84 14.32 14.95
N THR B 23 -43.91 13.28 15.78
CA THR B 23 -43.13 12.05 15.56
C THR B 23 -43.69 11.24 14.39
N LYS B 24 -42.81 10.49 13.74
CA LYS B 24 -43.20 9.46 12.79
C LYS B 24 -43.36 8.11 13.52
N LEU B 25 -43.03 8.08 14.82
CA LEU B 25 -43.11 6.86 15.62
C LEU B 25 -44.55 6.51 16.00
N GLN B 26 -44.90 5.24 15.80
CA GLN B 26 -46.24 4.74 16.08
C GLN B 26 -46.13 3.30 16.63
N PRO B 27 -46.97 2.92 17.60
CA PRO B 27 -47.00 1.53 18.07
C PRO B 27 -47.10 0.54 16.91
N SER B 28 -46.25 -0.49 16.93
CA SER B 28 -46.24 -1.52 15.89
C SER B 28 -47.19 -2.64 16.27
N VAL B 29 -47.30 -3.65 15.41
CA VAL B 29 -48.12 -4.84 15.67
C VAL B 29 -47.57 -5.73 16.79
N PHE B 30 -46.37 -5.45 17.27
CA PHE B 30 -45.77 -6.19 18.39
C PHE B 30 -45.83 -5.43 19.73
N TYR B 31 -46.47 -4.27 19.75
CA TYR B 31 -46.47 -3.37 20.91
C TYR B 31 -47.00 -4.03 22.19
N ASP B 32 -48.01 -4.88 22.09
CA ASP B 32 -48.66 -5.46 23.27
C ASP B 32 -48.07 -6.78 23.76
N ILE B 33 -47.26 -7.43 22.92
CA ILE B 33 -46.69 -8.73 23.28
C ILE B 33 -45.26 -8.64 23.87
N PHE B 34 -44.60 -7.50 23.68
CA PHE B 34 -43.27 -7.28 24.28
C PHE B 34 -43.37 -6.26 25.41
N PRO B 35 -42.62 -6.46 26.49
CA PRO B 35 -42.50 -5.44 27.54
C PRO B 35 -41.63 -4.25 27.14
N GLY B 36 -41.97 -3.08 27.67
CA GLY B 36 -41.16 -1.89 27.55
C GLY B 36 -41.90 -0.65 28.02
N SER B 37 -41.16 0.43 28.28
CA SER B 37 -41.75 1.71 28.64
C SER B 37 -41.15 2.95 27.93
N LYS B 38 -40.36 2.77 26.88
CA LYS B 38 -39.86 3.91 26.12
C LYS B 38 -40.98 4.55 25.30
N GLU B 39 -40.87 5.86 25.07
CA GLU B 39 -41.81 6.61 24.24
C GLU B 39 -41.02 7.52 23.30
N PRO B 40 -41.67 8.00 22.23
CA PRO B 40 -41.08 9.06 21.41
C PRO B 40 -40.67 10.29 22.21
N ALA B 41 -39.41 10.72 22.08
CA ALA B 41 -38.94 11.98 22.67
C ALA B 41 -39.85 13.15 22.35
N VAL B 42 -39.89 14.16 23.23
CA VAL B 42 -40.71 15.34 22.94
C VAL B 42 -40.03 16.20 21.86
N LEU B 43 -40.82 16.72 20.95
CA LEU B 43 -40.33 17.49 19.80
C LEU B 43 -40.87 18.93 19.81
N THR B 44 -41.61 19.31 20.85
CA THR B 44 -42.20 20.65 20.96
C THR B 44 -42.54 21.04 22.40
N GLU B 45 -42.50 22.35 22.66
CA GLU B 45 -42.87 22.95 23.96
C GLU B 45 -44.29 22.59 24.40
N LYS B 46 -45.18 22.40 23.43
CA LYS B 46 -46.60 22.15 23.69
C LYS B 46 -46.92 20.74 24.16
N ASP B 47 -45.94 19.85 24.17
CA ASP B 47 -46.16 18.45 24.55
C ASP B 47 -46.67 18.37 26.00
N PRO B 48 -47.85 17.79 26.22
CA PRO B 48 -48.43 17.69 27.58
C PRO B 48 -47.61 16.87 28.58
N ARG B 49 -46.77 15.98 28.07
CA ARG B 49 -45.91 15.15 28.90
C ARG B 49 -44.76 15.94 29.55
N LEU B 50 -44.38 17.06 28.94
CA LEU B 50 -43.35 17.95 29.51
C LEU B 50 -43.72 18.46 30.91
N LYS B 51 -42.79 18.30 31.85
CA LYS B 51 -42.91 18.84 33.21
C LYS B 51 -41.88 19.93 33.49
N VAL B 52 -41.11 20.31 32.47
CA VAL B 52 -40.01 21.26 32.60
C VAL B 52 -40.07 22.24 31.42
N ASP B 53 -39.48 23.43 31.57
CA ASP B 53 -39.33 24.38 30.45
C ASP B 53 -38.41 23.76 29.41
N PHE B 54 -38.86 23.71 28.16
CA PHE B 54 -38.18 22.93 27.12
C PHE B 54 -36.86 23.53 26.66
N ASP B 55 -36.87 24.80 26.29
CA ASP B 55 -35.67 25.48 25.79
C ASP B 55 -34.51 25.43 26.78
N SER B 56 -34.80 25.62 28.06
CA SER B 56 -33.77 25.57 29.10
C SER B 56 -33.22 24.16 29.31
N ALA B 57 -34.08 23.14 29.17
CA ALA B 57 -33.63 21.74 29.24
C ALA B 57 -32.70 21.36 28.08
N LEU B 58 -32.98 21.88 26.89
CA LEU B 58 -32.16 21.61 25.71
C LEU B 58 -30.82 22.35 25.77
N PHE B 59 -30.84 23.57 26.28
CA PHE B 59 -29.66 24.43 26.31
C PHE B 59 -28.81 24.18 27.56
N SER B 60 -29.26 23.26 28.42
CA SER B 60 -28.49 22.82 29.59
C SER B 60 -27.24 22.03 29.18
N LYS B 61 -27.25 21.54 27.95
CA LYS B 61 -26.08 20.94 27.30
C LYS B 61 -24.86 21.87 27.35
N TYR B 62 -25.08 23.17 27.11
CA TYR B 62 -24.02 24.18 27.14
C TYR B 62 -24.08 24.95 28.45
N LYS B 63 -23.18 24.67 29.38
CA LYS B 63 -23.16 25.41 30.64
C LYS B 63 -21.76 25.69 31.17
N GLY B 64 -20.95 26.31 30.32
CA GLY B 64 -19.68 26.87 30.75
C GLY B 64 -18.44 26.06 30.37
N ASN B 65 -17.32 26.78 30.26
CA ASN B 65 -16.02 26.18 30.06
C ASN B 65 -15.18 26.42 31.32
N THR B 66 -14.69 25.34 31.93
CA THR B 66 -13.72 25.42 33.02
C THR B 66 -12.50 26.15 32.50
N GLU B 67 -11.86 26.96 33.34
CA GLU B 67 -10.65 27.62 32.89
C GLU B 67 -9.46 26.66 33.02
N CYS B 68 -8.95 26.24 31.86
CA CYS B 68 -7.71 25.47 31.77
C CYS B 68 -6.98 25.83 30.50
N SER B 69 -5.76 25.36 30.39
CA SER B 69 -4.96 25.59 29.19
C SER B 69 -4.10 24.38 28.88
N LEU B 70 -3.47 24.43 27.71
CA LEU B 70 -2.52 23.40 27.29
C LEU B 70 -1.44 23.18 28.36
N ASN B 71 -1.16 21.92 28.66
CA ASN B 71 -0.02 21.57 29.50
C ASN B 71 0.93 20.63 28.73
N GLU B 72 2.00 20.18 29.40
CA GLU B 72 3.02 19.35 28.79
C GLU B 72 2.47 17.97 28.41
N HIS B 73 1.62 17.41 29.28
CA HIS B 73 1.04 16.07 29.06
C HIS B 73 0.13 16.03 27.83
N ILE B 74 -0.68 17.07 27.65
CA ILE B 74 -1.51 17.18 26.45
C ILE B 74 -0.62 17.24 25.22
N GLN B 75 0.50 17.95 25.31
CA GLN B 75 1.42 18.07 24.17
C GLN B 75 2.21 16.77 23.86
N VAL B 76 2.51 15.95 24.88
CA VAL B 76 3.19 14.67 24.59
C VAL B 76 2.17 13.65 24.07
N ALA B 77 0.90 13.80 24.47
CA ALA B 77 -0.18 12.97 23.95
C ALA B 77 -0.39 13.26 22.48
N VAL B 78 -0.35 14.55 22.13
CA VAL B 78 -0.48 14.99 20.74
C VAL B 78 0.68 14.47 19.86
N ALA B 79 1.91 14.56 20.36
CA ALA B 79 3.07 14.11 19.59
C ALA B 79 3.07 12.58 19.42
N HIS B 80 2.59 11.88 20.44
CA HIS B 80 2.57 10.43 20.42
C HIS B 80 1.53 9.89 19.43
N TYR B 81 0.32 10.43 19.48
CA TYR B 81 -0.77 9.98 18.62
C TYR B 81 -0.51 10.39 17.16
N SER B 82 0.12 11.54 16.98
CA SER B 82 0.52 12.03 15.66
C SER B 82 1.52 11.10 14.97
N ALA B 83 2.54 10.67 15.72
CA ALA B 83 3.55 9.74 15.20
C ALA B 83 2.94 8.38 14.89
N GLN B 84 1.96 7.97 15.69
CA GLN B 84 1.19 6.76 15.44
C GLN B 84 0.40 6.84 14.11
N LEU B 85 -0.29 7.95 13.87
CA LEU B 85 -1.08 8.10 12.64
C LEU B 85 -0.24 8.34 11.37
N ALA B 86 1.00 8.81 11.53
CA ALA B 86 1.87 9.09 10.38
C ALA B 86 2.25 7.78 9.69
N THR B 87 2.29 6.72 10.49
CA THR B 87 2.44 5.33 10.04
C THR B 87 1.44 4.90 8.95
N LEU B 88 0.25 5.49 8.93
CA LEU B 88 -0.76 5.18 7.91
C LEU B 88 -0.46 5.86 6.57
N ASP B 89 0.41 6.86 6.59
CA ASP B 89 0.85 7.58 5.40
C ASP B 89 -0.34 8.13 4.61
N ILE B 90 -1.10 9.00 5.26
CA ILE B 90 -2.32 9.58 4.71
C ILE B 90 -1.98 10.71 3.74
N ASP B 91 -2.60 10.66 2.56
CA ASP B 91 -2.45 11.67 1.54
C ASP B 91 -3.13 12.98 1.99
N PRO B 92 -2.35 14.01 2.31
CA PRO B 92 -2.89 15.25 2.84
C PRO B 92 -3.62 16.12 1.82
N GLN B 93 -3.53 15.76 0.54
CA GLN B 93 -4.20 16.50 -0.53
C GLN B 93 -5.72 16.36 -0.44
N PRO B 94 -6.44 17.39 -0.89
CA PRO B 94 -7.90 17.31 -0.93
C PRO B 94 -8.40 16.32 -1.98
N ILE B 95 -9.69 16.01 -1.94
CA ILE B 95 -10.32 15.14 -2.92
C ILE B 95 -11.19 15.97 -3.86
N ALA B 96 -11.48 15.41 -5.02
CA ALA B 96 -12.31 16.08 -6.03
C ALA B 96 -13.74 16.18 -5.52
N MET B 97 -14.46 17.23 -5.94
CA MET B 97 -15.81 17.45 -5.45
C MET B 97 -16.76 16.30 -5.81
N GLU B 98 -16.44 15.60 -6.90
CA GLU B 98 -17.25 14.47 -7.37
C GLU B 98 -17.20 13.32 -6.35
N ASP B 99 -16.03 13.12 -5.75
CA ASP B 99 -15.84 12.12 -4.70
C ASP B 99 -16.52 12.50 -3.38
N SER B 100 -16.54 13.79 -3.06
CA SER B 100 -17.24 14.29 -1.87
C SER B 100 -18.76 14.06 -1.94
N VAL B 101 -19.31 14.09 -3.15
CA VAL B 101 -20.75 13.93 -3.34
C VAL B 101 -21.16 12.46 -3.50
N PHE B 102 -20.43 11.72 -4.32
CA PHE B 102 -20.84 10.37 -4.74
C PHE B 102 -20.03 9.25 -4.11
N GLY B 103 -18.88 9.59 -3.54
CA GLY B 103 -18.12 8.69 -2.70
C GLY B 103 -16.85 8.18 -3.35
N MET B 104 -16.05 7.50 -2.54
CA MET B 104 -14.89 6.75 -3.00
C MET B 104 -14.62 5.65 -1.97
N ASP B 105 -13.47 4.99 -2.09
CA ASP B 105 -13.11 3.93 -1.16
C ASP B 105 -13.01 4.51 0.26
N GLY B 106 -13.82 3.98 1.18
CA GLY B 106 -13.79 4.41 2.57
C GLY B 106 -14.67 5.61 2.92
N LEU B 107 -15.29 6.22 1.92
CA LEU B 107 -16.14 7.39 2.13
C LEU B 107 -17.47 7.20 1.40
N GLU B 108 -18.53 6.93 2.16
CA GLU B 108 -19.86 6.69 1.58
C GLU B 108 -20.36 7.92 0.85
N ALA B 109 -21.33 7.70 -0.04
CA ALA B 109 -21.94 8.79 -0.79
C ALA B 109 -22.74 9.67 0.16
N LEU B 110 -22.86 10.94 -0.20
CA LEU B 110 -23.68 11.88 0.53
C LEU B 110 -25.13 11.41 0.54
N ASP B 111 -25.76 11.46 1.70
CA ASP B 111 -27.18 11.14 1.84
C ASP B 111 -28.00 12.24 1.20
N LEU B 112 -28.85 11.88 0.23
CA LEU B 112 -29.62 12.86 -0.53
C LEU B 112 -31.02 13.15 0.05
N ASN B 113 -31.42 12.39 1.07
CA ASN B 113 -32.71 12.60 1.74
C ASN B 113 -32.63 13.57 2.93
N THR B 114 -31.45 13.65 3.55
CA THR B 114 -31.22 14.55 4.68
C THR B 114 -31.28 16.02 4.24
N SER B 115 -31.47 16.92 5.21
CA SER B 115 -31.51 18.36 4.98
C SER B 115 -30.27 18.91 4.30
N ALA B 116 -30.48 19.87 3.40
CA ALA B 116 -29.38 20.63 2.81
C ALA B 116 -28.88 21.75 3.73
N GLY B 117 -29.59 22.02 4.83
CA GLY B 117 -29.21 23.04 5.78
C GLY B 117 -29.51 24.46 5.28
N TYR B 118 -29.01 25.45 6.02
CA TYR B 118 -29.18 26.87 5.67
C TYR B 118 -28.26 27.17 4.49
N PRO B 119 -28.66 28.00 3.53
CA PRO B 119 -29.97 28.69 3.46
C PRO B 119 -31.07 27.89 2.78
N TYR B 120 -30.73 26.70 2.29
CA TYR B 120 -31.64 25.91 1.45
C TYR B 120 -32.94 25.48 2.13
N VAL B 121 -32.94 25.35 3.45
CA VAL B 121 -34.11 24.90 4.18
C VAL B 121 -35.17 26.01 4.33
N THR B 122 -34.77 27.25 4.07
CA THR B 122 -35.69 28.39 4.03
C THR B 122 -36.19 28.69 2.60
N LEU B 123 -35.41 28.27 1.61
CA LEU B 123 -35.69 28.55 0.20
C LEU B 123 -36.54 27.48 -0.49
N GLY B 124 -36.93 26.43 0.25
CA GLY B 124 -37.63 25.30 -0.34
C GLY B 124 -36.75 24.47 -1.27
N ILE B 125 -35.43 24.49 -1.03
CA ILE B 125 -34.46 23.74 -1.83
C ILE B 125 -33.96 22.54 -1.01
N LYS B 126 -33.97 21.36 -1.62
CA LYS B 126 -33.41 20.15 -1.01
C LYS B 126 -32.24 19.62 -1.83
N LYS B 127 -31.59 18.57 -1.33
CA LYS B 127 -30.34 18.08 -1.91
C LYS B 127 -30.51 17.55 -3.33
N LYS B 128 -31.69 17.03 -3.65
CA LYS B 128 -31.94 16.45 -4.97
C LYS B 128 -32.14 17.51 -6.05
N ASP B 129 -32.44 18.74 -5.63
CA ASP B 129 -32.48 19.89 -6.54
C ASP B 129 -31.07 20.34 -6.96
N LEU B 130 -30.08 20.12 -6.10
CA LEU B 130 -28.69 20.51 -6.39
C LEU B 130 -27.90 19.38 -7.06
N ILE B 131 -28.27 18.14 -6.73
CA ILE B 131 -27.52 16.96 -7.16
C ILE B 131 -28.46 15.97 -7.83
N ASN B 132 -28.14 15.62 -9.07
CA ASN B 132 -28.90 14.64 -9.84
C ASN B 132 -28.18 13.30 -9.77
N ASN B 133 -28.74 12.37 -9.01
CA ASN B 133 -28.13 11.05 -8.78
C ASN B 133 -28.08 10.17 -10.03
N LYS B 134 -29.09 10.30 -10.90
CA LYS B 134 -29.19 9.46 -12.11
C LYS B 134 -28.12 9.81 -13.15
N THR B 135 -27.92 11.11 -13.38
CA THR B 135 -26.96 11.61 -14.37
C THR B 135 -25.58 11.95 -13.78
N LYS B 136 -25.48 11.97 -12.45
CA LYS B 136 -24.29 12.40 -11.71
C LYS B 136 -23.90 13.86 -11.99
N ASP B 137 -24.90 14.72 -12.20
CA ASP B 137 -24.66 16.14 -12.48
C ASP B 137 -24.70 16.98 -11.20
N ILE B 138 -23.63 17.72 -10.96
CA ILE B 138 -23.52 18.60 -9.79
C ILE B 138 -23.21 20.05 -10.20
N SER B 139 -23.71 20.49 -11.35
CA SER B 139 -23.45 21.85 -11.82
C SER B 139 -24.28 22.87 -11.04
N LYS B 140 -25.50 22.48 -10.67
CA LYS B 140 -26.36 23.31 -9.82
C LYS B 140 -25.77 23.47 -8.43
N LEU B 141 -25.14 22.41 -7.92
CA LEU B 141 -24.48 22.44 -6.62
C LEU B 141 -23.34 23.45 -6.64
N LYS B 142 -22.53 23.41 -7.71
CA LYS B 142 -21.36 24.29 -7.85
C LYS B 142 -21.74 25.77 -7.85
N LEU B 143 -22.86 26.09 -8.51
CA LEU B 143 -23.37 27.46 -8.55
C LEU B 143 -23.78 27.95 -7.16
N ALA B 144 -24.51 27.10 -6.43
CA ALA B 144 -24.99 27.44 -5.09
C ALA B 144 -23.84 27.55 -4.07
N LEU B 145 -22.74 26.83 -4.31
CA LEU B 145 -21.52 26.93 -3.51
C LEU B 145 -20.91 28.33 -3.61
N ASP B 146 -20.87 28.85 -4.84
CA ASP B 146 -20.29 30.18 -5.12
C ASP B 146 -21.17 31.30 -4.59
N LYS B 147 -22.49 31.11 -4.68
CA LYS B 147 -23.45 32.15 -4.31
C LYS B 147 -23.56 32.37 -2.79
N TYR B 148 -23.63 31.29 -2.01
CA TYR B 148 -23.85 31.39 -0.57
C TYR B 148 -22.57 31.22 0.24
N GLY B 149 -21.56 30.60 -0.35
CA GLY B 149 -20.27 30.45 0.29
C GLY B 149 -20.24 29.42 1.39
N VAL B 150 -19.27 29.56 2.29
CA VAL B 150 -19.00 28.60 3.36
C VAL B 150 -19.12 29.26 4.74
N ASP B 151 -18.94 28.47 5.80
CA ASP B 151 -19.08 28.90 7.20
C ASP B 151 -20.48 29.45 7.52
N LEU B 152 -21.49 28.62 7.23
CA LEU B 152 -22.87 29.01 7.39
C LEU B 152 -23.41 28.48 8.71
N PRO B 153 -24.48 29.09 9.23
CA PRO B 153 -25.07 28.58 10.48
C PRO B 153 -25.52 27.14 10.32
N MET B 154 -25.42 26.37 11.39
CA MET B 154 -25.95 25.02 11.43
C MET B 154 -27.40 25.13 11.88
N ILE B 155 -28.26 24.23 11.41
CA ILE B 155 -29.65 24.20 11.89
C ILE B 155 -29.75 23.11 12.94
N THR B 156 -30.24 23.45 14.12
CA THR B 156 -30.40 22.46 15.16
C THR B 156 -31.80 21.84 15.09
N PHE B 157 -31.84 20.55 14.77
CA PHE B 157 -33.04 19.74 14.75
C PHE B 157 -33.14 19.02 16.09
N LEU B 158 -34.32 18.47 16.36
CA LEU B 158 -34.52 17.58 17.49
C LEU B 158 -34.58 16.15 16.97
N LYS B 159 -33.89 15.24 17.65
CA LYS B 159 -33.83 13.86 17.20
C LYS B 159 -35.11 13.10 17.57
N ASP B 160 -35.86 12.73 16.53
CA ASP B 160 -37.08 11.95 16.65
C ASP B 160 -36.72 10.48 16.92
N GLU B 161 -36.92 10.03 18.15
CA GLU B 161 -36.51 8.68 18.54
C GLU B 161 -37.10 8.23 19.88
N LEU B 162 -37.05 6.92 20.10
CA LEU B 162 -37.45 6.32 21.38
C LEU B 162 -36.49 6.77 22.50
N ARG B 163 -37.07 7.04 23.67
CA ARG B 163 -36.32 7.44 24.85
C ARG B 163 -36.93 6.86 26.12
N LYS B 164 -36.08 6.63 27.12
CA LYS B 164 -36.53 6.18 28.43
C LYS B 164 -37.52 7.17 29.03
N LYS B 165 -38.42 6.65 29.87
CA LYS B 165 -39.57 7.40 30.38
C LYS B 165 -39.19 8.67 31.15
N ASP B 166 -38.08 8.61 31.90
CA ASP B 166 -37.60 9.76 32.66
C ASP B 166 -37.10 10.92 31.78
N LYS B 167 -36.68 10.62 30.56
CA LYS B 167 -36.20 11.64 29.61
C LYS B 167 -37.37 12.43 29.01
N ILE B 168 -38.59 11.89 29.12
CA ILE B 168 -39.75 12.53 28.51
C ILE B 168 -40.19 13.75 29.31
N ALA B 169 -40.38 13.55 30.62
CA ALA B 169 -40.81 14.63 31.51
C ALA B 169 -39.75 15.71 31.66
N ALA B 170 -38.49 15.29 31.82
CA ALA B 170 -37.35 16.22 31.89
C ALA B 170 -36.97 16.84 30.53
N GLY B 171 -37.68 16.47 29.47
CA GLY B 171 -37.47 17.06 28.16
C GLY B 171 -36.06 16.89 27.60
N LYS B 172 -35.44 15.77 27.92
CA LYS B 172 -34.07 15.49 27.50
C LYS B 172 -34.03 14.86 26.11
N THR B 173 -34.39 15.63 25.09
CA THR B 173 -34.33 15.11 23.73
C THR B 173 -33.03 15.62 23.10
N ARG B 174 -32.37 14.74 22.35
CA ARG B 174 -31.05 15.06 21.79
C ARG B 174 -31.19 16.03 20.63
N VAL B 175 -30.25 16.95 20.53
CA VAL B 175 -30.22 17.92 19.44
C VAL B 175 -29.15 17.48 18.43
N ILE B 176 -29.52 17.44 17.15
CA ILE B 176 -28.57 17.19 16.08
C ILE B 176 -28.40 18.50 15.28
N GLU B 177 -27.15 18.89 15.05
CA GLU B 177 -26.86 20.15 14.38
C GLU B 177 -26.44 19.89 12.94
N ALA B 178 -27.38 20.09 12.02
CA ALA B 178 -27.17 19.83 10.59
C ALA B 178 -26.52 21.00 9.87
N SER B 179 -25.22 20.91 9.63
CA SER B 179 -24.51 21.95 8.88
C SER B 179 -24.99 22.07 7.43
N SER B 180 -24.73 23.21 6.81
CA SER B 180 -25.12 23.45 5.42
C SER B 180 -24.40 22.47 4.51
N ILE B 181 -25.02 22.08 3.40
CA ILE B 181 -24.38 21.18 2.44
C ILE B 181 -23.06 21.79 1.94
N ASN B 182 -23.02 23.12 1.83
CA ASN B 182 -21.79 23.82 1.46
C ASN B 182 -20.63 23.46 2.39
N ASP B 183 -20.93 23.34 3.68
CA ASP B 183 -19.91 23.09 4.69
C ASP B 183 -19.55 21.62 4.81
N THR B 184 -20.54 20.72 4.71
CA THR B 184 -20.24 19.29 4.67
C THR B 184 -19.35 18.95 3.48
N ILE B 185 -19.59 19.59 2.34
CA ILE B 185 -18.78 19.38 1.14
C ILE B 185 -17.35 19.93 1.30
N LEU B 186 -17.21 21.07 1.96
CA LEU B 186 -15.88 21.64 2.19
C LEU B 186 -15.07 20.75 3.13
N PHE B 187 -15.70 20.22 4.18
CA PHE B 187 -15.00 19.37 5.14
C PHE B 187 -14.59 18.04 4.49
N ARG B 188 -15.46 17.47 3.65
CA ARG B 188 -15.14 16.24 2.93
C ARG B 188 -14.02 16.46 1.93
N THR B 189 -14.00 17.65 1.32
CA THR B 189 -12.97 18.00 0.35
C THR B 189 -11.61 18.06 1.03
N VAL B 190 -11.54 18.78 2.14
CA VAL B 190 -10.27 19.02 2.84
C VAL B 190 -9.78 17.77 3.55
N TYR B 191 -10.69 17.08 4.24
CA TYR B 191 -10.32 16.00 5.16
C TYR B 191 -10.65 14.60 4.64
N GLY B 192 -11.13 14.52 3.40
CA GLY B 192 -11.64 13.27 2.84
C GLY B 192 -10.72 12.06 2.89
N ASN B 193 -9.42 12.25 2.70
CA ASN B 193 -8.50 11.13 2.71
C ASN B 193 -8.26 10.61 4.13
N LEU B 194 -8.35 11.50 5.11
CA LEU B 194 -8.29 11.09 6.52
C LEU B 194 -9.52 10.28 6.92
N PHE B 195 -10.70 10.76 6.52
CA PHE B 195 -11.97 10.06 6.80
C PHE B 195 -11.95 8.64 6.24
N SER B 196 -11.55 8.54 4.97
CA SER B 196 -11.46 7.25 4.28
C SER B 196 -10.49 6.33 5.00
N LYS B 197 -9.31 6.83 5.34
CA LYS B 197 -8.30 6.01 6.01
C LYS B 197 -8.79 5.46 7.35
N PHE B 198 -9.54 6.27 8.10
CA PHE B 198 -10.08 5.83 9.39
C PHE B 198 -11.16 4.76 9.21
N HIS B 199 -12.12 5.02 8.33
CA HIS B 199 -13.21 4.06 8.07
C HIS B 199 -12.67 2.68 7.64
N LEU B 200 -11.60 2.69 6.85
CA LEU B 200 -11.05 1.47 6.25
C LEU B 200 -10.13 0.71 7.22
N ASN B 201 -9.69 1.38 8.29
CA ASN B 201 -8.74 0.79 9.25
C ASN B 201 -9.16 1.01 10.70
N PRO B 202 -10.29 0.46 11.12
CA PRO B 202 -10.65 0.51 12.53
C PRO B 202 -9.66 -0.33 13.32
N GLY B 203 -9.23 0.15 14.48
CA GLY B 203 -8.32 -0.61 15.32
C GLY B 203 -7.43 0.25 16.18
N VAL B 204 -6.26 -0.29 16.49
CA VAL B 204 -5.41 0.28 17.51
C VAL B 204 -4.34 1.25 16.96
N VAL B 205 -4.32 1.46 15.64
CA VAL B 205 -3.43 2.44 15.05
C VAL B 205 -4.16 3.77 14.82
N THR B 206 -5.37 3.71 14.27
CA THR B 206 -6.23 4.89 14.22
C THR B 206 -6.72 5.23 15.63
N GLY B 207 -6.81 4.22 16.48
CA GLY B 207 -7.41 4.35 17.80
C GLY B 207 -8.91 4.51 17.72
N CYS B 208 -9.51 3.98 16.65
CA CYS B 208 -10.88 4.31 16.27
C CYS B 208 -11.66 3.09 15.78
N ALA B 209 -12.95 3.04 16.08
CA ALA B 209 -13.82 1.91 15.71
C ALA B 209 -14.86 2.26 14.66
N VAL B 210 -14.81 3.48 14.15
CA VAL B 210 -15.74 3.92 13.12
C VAL B 210 -15.42 3.15 11.83
N GLY B 211 -16.47 2.62 11.20
CA GLY B 211 -16.31 1.77 10.04
C GLY B 211 -16.27 0.27 10.36
N CYS B 212 -16.27 -0.08 11.64
CA CYS B 212 -16.13 -1.49 12.03
C CYS B 212 -17.46 -2.22 11.92
N ASP B 213 -17.36 -3.54 11.83
CA ASP B 213 -18.50 -4.43 11.89
C ASP B 213 -18.29 -5.27 13.15
N PRO B 214 -19.09 -5.03 14.20
CA PRO B 214 -18.92 -5.74 15.48
C PRO B 214 -18.93 -7.26 15.42
N GLU B 215 -19.60 -7.83 14.41
CA GLU B 215 -19.70 -9.28 14.30
C GLU B 215 -18.36 -9.96 14.09
N THR B 216 -17.47 -9.34 13.30
CA THR B 216 -16.11 -9.87 13.11
C THR B 216 -15.05 -9.13 13.96
N PHE B 217 -15.22 -7.82 14.10
CA PHE B 217 -14.33 -6.97 14.90
C PHE B 217 -14.19 -7.39 16.37
N TRP B 218 -15.23 -8.00 16.93
CA TRP B 218 -15.23 -8.37 18.35
C TRP B 218 -14.14 -9.39 18.68
N SER B 219 -13.95 -10.36 17.80
CA SER B 219 -12.88 -11.34 17.93
C SER B 219 -11.48 -10.72 17.93
N LYS B 220 -11.30 -9.62 17.18
CA LYS B 220 -10.01 -8.96 17.05
C LYS B 220 -9.63 -8.08 18.25
N ILE B 221 -10.63 -7.55 18.95
CA ILE B 221 -10.39 -6.60 20.05
C ILE B 221 -9.45 -7.15 21.16
N PRO B 222 -9.66 -8.35 21.69
CA PRO B 222 -8.72 -8.92 22.65
C PRO B 222 -7.27 -9.09 22.15
N LEU B 223 -7.06 -9.33 20.85
CA LEU B 223 -5.70 -9.33 20.28
C LEU B 223 -5.05 -7.94 20.30
N MET B 224 -5.84 -6.93 19.96
CA MET B 224 -5.35 -5.54 19.83
C MET B 224 -5.12 -4.91 21.21
N LEU B 225 -6.05 -5.19 22.13
CA LEU B 225 -6.05 -4.64 23.47
C LEU B 225 -5.58 -5.73 24.43
N ASP B 226 -4.29 -5.99 24.40
CA ASP B 226 -3.68 -6.99 25.28
C ASP B 226 -3.19 -6.29 26.53
N GLY B 227 -2.59 -7.04 27.44
CA GLY B 227 -2.12 -6.46 28.69
C GLY B 227 -3.16 -6.71 29.76
N ASP B 228 -2.70 -6.84 31.00
CA ASP B 228 -3.52 -7.41 32.05
C ASP B 228 -4.76 -6.60 32.41
N CYS B 229 -4.84 -5.35 31.95
CA CYS B 229 -5.88 -4.43 32.41
C CYS B 229 -6.75 -3.90 31.27
N ILE B 230 -7.98 -4.39 31.18
CA ILE B 230 -8.97 -3.83 30.27
C ILE B 230 -9.79 -2.80 31.06
N MET B 231 -9.98 -1.64 30.43
CA MET B 231 -10.60 -0.49 31.10
C MET B 231 -11.63 0.20 30.21
N ALA B 232 -12.62 0.78 30.86
CA ALA B 232 -13.65 1.55 30.20
C ALA B 232 -14.38 2.39 31.24
N PHE B 233 -14.90 3.54 30.82
CA PHE B 233 -15.81 4.31 31.67
C PHE B 233 -16.72 5.22 30.84
N ASP B 234 -17.74 5.80 31.47
CA ASP B 234 -18.71 6.65 30.76
C ASP B 234 -18.45 8.14 30.97
N TYR B 235 -18.85 8.93 29.98
CA TYR B 235 -18.79 10.39 30.04
C TYR B 235 -20.21 10.95 30.23
N THR B 236 -20.35 11.98 31.06
CA THR B 236 -21.58 12.75 31.09
C THR B 236 -21.43 13.93 30.11
N ASN B 237 -22.28 13.96 29.07
CA ASN B 237 -22.33 15.09 28.14
C ASN B 237 -20.96 15.36 27.51
N TYR B 238 -20.38 14.32 26.90
CA TYR B 238 -19.05 14.37 26.30
C TYR B 238 -18.94 15.47 25.25
N ASP B 239 -19.87 15.46 24.31
CA ASP B 239 -19.85 16.40 23.20
C ASP B 239 -19.82 17.84 23.70
N GLY B 240 -20.69 18.18 24.63
CA GLY B 240 -20.81 19.54 25.12
C GLY B 240 -19.74 19.99 26.11
N SER B 241 -19.03 19.03 26.69
CA SER B 241 -18.05 19.31 27.74
C SER B 241 -16.60 19.35 27.23
N ILE B 242 -16.41 19.34 25.92
CA ILE B 242 -15.08 19.38 25.32
C ILE B 242 -14.57 20.82 25.19
N HIS B 243 -13.63 21.16 26.07
CA HIS B 243 -13.00 22.47 26.13
C HIS B 243 -12.30 22.82 24.80
N PRO B 244 -12.26 24.12 24.45
CA PRO B 244 -11.43 24.61 23.32
C PRO B 244 -10.00 24.08 23.23
N ILE B 245 -9.35 23.76 24.35
CA ILE B 245 -7.98 23.25 24.33
C ILE B 245 -7.87 21.94 23.55
N TRP B 246 -8.88 21.10 23.65
CA TRP B 246 -8.90 19.81 22.96
C TRP B 246 -8.98 20.01 21.45
N PHE B 247 -9.61 21.11 21.02
CA PHE B 247 -9.62 21.51 19.60
C PHE B 247 -8.27 22.04 19.11
N LYS B 248 -7.54 22.75 19.98
CA LYS B 248 -6.18 23.16 19.68
C LYS B 248 -5.29 21.92 19.53
N ALA B 249 -5.48 20.94 20.41
CA ALA B 249 -4.72 19.69 20.37
C ALA B 249 -5.00 18.90 19.10
N LEU B 250 -6.26 18.84 18.69
CA LEU B 250 -6.66 18.16 17.46
C LEU B 250 -6.11 18.91 16.25
N GLY B 251 -6.17 20.24 16.29
CA GLY B 251 -5.54 21.07 15.28
C GLY B 251 -4.07 20.75 15.09
N MET B 252 -3.37 20.49 16.20
CA MET B 252 -1.95 20.18 16.16
C MET B 252 -1.68 18.81 15.54
N VAL B 253 -2.51 17.79 15.82
CA VAL B 253 -2.31 16.48 15.19
C VAL B 253 -2.57 16.56 13.68
N LEU B 254 -3.61 17.28 13.28
CA LEU B 254 -3.91 17.47 11.86
C LEU B 254 -2.75 18.18 11.15
N ASP B 255 -2.12 19.17 11.80
CA ASP B 255 -1.01 19.91 11.22
C ASP B 255 0.24 19.03 11.06
N ASN B 256 0.48 18.15 12.03
CA ASN B 256 1.58 17.17 11.94
C ASN B 256 1.40 16.21 10.76
N LEU B 257 0.15 15.95 10.35
CA LEU B 257 -0.18 15.16 9.16
C LEU B 257 -0.32 16.02 7.88
N SER B 258 0.03 17.30 7.97
CA SER B 258 0.01 18.24 6.85
C SER B 258 -1.39 18.60 6.35
N PHE B 259 -2.41 18.30 7.16
CA PHE B 259 -3.78 18.73 6.92
C PHE B 259 -4.03 20.11 7.52
N ASN B 260 -5.08 20.76 7.02
CA ASN B 260 -5.60 22.04 7.52
C ASN B 260 -5.93 21.96 9.02
N PRO B 261 -5.21 22.72 9.85
CA PRO B 261 -5.43 22.69 11.31
C PRO B 261 -6.52 23.64 11.79
N THR B 262 -7.04 24.48 10.89
CA THR B 262 -7.84 25.66 11.22
C THR B 262 -9.34 25.46 10.99
N LEU B 263 -9.71 24.76 9.92
CA LEU B 263 -11.13 24.55 9.60
C LEU B 263 -11.88 24.02 10.82
N ILE B 264 -11.20 23.18 11.59
CA ILE B 264 -11.69 22.59 12.84
C ILE B 264 -12.26 23.59 13.86
N ASN B 265 -11.73 24.81 13.90
CA ASN B 265 -12.20 25.80 14.89
C ASN B 265 -13.59 26.38 14.62
N ARG B 266 -14.14 26.13 13.44
CA ARG B 266 -15.53 26.43 13.13
C ARG B 266 -16.52 25.46 13.80
N LEU B 267 -16.04 24.27 14.16
CA LEU B 267 -16.78 23.34 15.02
C LEU B 267 -16.73 23.76 16.50
N CYS B 268 -15.57 24.22 16.95
CA CYS B 268 -15.37 24.70 18.31
C CYS B 268 -16.19 25.96 18.62
N ASN B 269 -16.08 26.95 17.74
CA ASN B 269 -16.78 28.22 17.85
C ASN B 269 -17.84 28.25 16.76
N SER B 270 -19.01 27.73 17.09
CA SER B 270 -20.04 27.43 16.08
C SER B 270 -21.21 28.40 16.12
N LYS B 271 -21.97 28.39 15.03
CA LYS B 271 -23.14 29.26 14.84
C LYS B 271 -24.35 28.42 14.49
N HIS B 272 -25.50 28.80 15.03
CA HIS B 272 -26.67 27.94 15.05
C HIS B 272 -27.96 28.73 14.93
N ILE B 273 -28.98 28.12 14.32
CA ILE B 273 -30.34 28.61 14.43
C ILE B 273 -31.22 27.48 14.96
N PHE B 274 -31.87 27.73 16.08
CA PHE B 274 -32.93 26.87 16.59
C PHE B 274 -34.24 27.66 16.63
N LYS B 275 -35.22 27.23 15.83
CA LYS B 275 -36.53 27.87 15.77
C LYS B 275 -36.42 29.37 15.44
N SER B 276 -36.57 30.24 16.44
CA SER B 276 -36.47 31.70 16.26
C SER B 276 -35.33 32.31 17.07
N THR B 277 -34.27 31.54 17.31
CA THR B 277 -33.11 31.99 18.09
C THR B 277 -31.83 31.73 17.31
N TYR B 278 -31.07 32.78 17.00
CA TYR B 278 -29.70 32.65 16.52
C TYR B 278 -28.81 32.62 17.75
N TYR B 279 -27.84 31.70 17.77
CA TYR B 279 -26.89 31.63 18.88
C TYR B 279 -25.53 31.10 18.47
N GLU B 280 -24.50 31.46 19.24
CA GLU B 280 -23.14 31.02 19.00
C GLU B 280 -22.58 30.37 20.27
N VAL B 281 -21.81 29.30 20.11
CA VAL B 281 -21.24 28.58 21.25
C VAL B 281 -19.73 28.44 21.12
N GLU B 282 -19.03 28.54 22.26
CA GLU B 282 -17.59 28.38 22.33
C GLU B 282 -17.30 27.10 23.11
N GLY B 283 -16.54 26.20 22.51
CA GLY B 283 -16.37 24.87 23.06
C GLY B 283 -17.52 23.96 22.64
N GLY B 284 -17.34 22.66 22.89
CA GLY B 284 -18.30 21.66 22.51
C GLY B 284 -18.18 21.24 21.06
N VAL B 285 -18.47 19.97 20.78
CA VAL B 285 -18.56 19.48 19.42
C VAL B 285 -20.04 19.44 19.03
N PRO B 286 -20.41 20.04 17.90
CA PRO B 286 -21.79 19.93 17.41
C PRO B 286 -22.12 18.48 17.15
N SER B 287 -23.20 17.99 17.76
CA SER B 287 -23.50 16.56 17.74
C SER B 287 -24.25 16.14 16.47
N GLY B 288 -23.52 15.99 15.35
CA GLY B 288 -24.06 15.28 14.20
C GLY B 288 -23.89 15.89 12.83
N CYS B 289 -22.68 16.34 12.49
CA CYS B 289 -22.40 16.80 11.13
C CYS B 289 -21.00 16.40 10.62
N SER B 290 -20.25 17.35 10.07
CA SER B 290 -19.08 17.09 9.23
C SER B 290 -17.91 16.41 9.96
N GLY B 291 -17.89 15.08 9.94
CA GLY B 291 -16.81 14.31 10.53
C GLY B 291 -16.86 14.19 12.03
N THR B 292 -18.02 14.49 12.63
CA THR B 292 -18.27 14.39 14.06
C THR B 292 -17.66 13.15 14.74
N SER B 293 -17.84 11.99 14.12
CA SER B 293 -17.45 10.72 14.72
C SER B 293 -15.94 10.57 14.84
N ILE B 294 -15.24 10.82 13.73
CA ILE B 294 -13.79 10.68 13.69
C ILE B 294 -13.09 11.72 14.56
N PHE B 295 -13.50 12.99 14.46
CA PHE B 295 -12.89 14.07 15.27
C PHE B 295 -13.09 13.81 16.76
N ASN B 296 -14.29 13.38 17.15
CA ASN B 296 -14.55 13.01 18.55
C ASN B 296 -13.68 11.85 19.03
N SER B 297 -13.47 10.87 18.14
CA SER B 297 -12.62 9.71 18.43
C SER B 297 -11.16 10.12 18.58
N MET B 298 -10.71 11.05 17.74
CA MET B 298 -9.33 11.55 17.78
C MET B 298 -9.10 12.35 19.06
N ILE B 299 -10.07 13.18 19.43
CA ILE B 299 -10.02 13.95 20.68
C ILE B 299 -10.01 13.02 21.90
N ASN B 300 -10.79 11.94 21.85
CA ASN B 300 -10.80 10.95 22.92
C ASN B 300 -9.42 10.28 23.09
N ASN B 301 -8.75 10.02 21.98
CA ASN B 301 -7.38 9.51 22.00
C ASN B 301 -6.39 10.47 22.68
N ILE B 302 -6.58 11.78 22.49
CA ILE B 302 -5.75 12.77 23.14
C ILE B 302 -6.06 12.77 24.62
N ILE B 303 -7.35 12.79 24.97
CA ILE B 303 -7.79 12.88 26.36
C ILE B 303 -7.34 11.70 27.19
N ILE B 304 -7.55 10.49 26.70
CA ILE B 304 -7.24 9.29 27.48
C ILE B 304 -5.75 9.23 27.77
N ARG B 305 -4.92 9.63 26.81
CA ARG B 305 -3.47 9.67 27.01
C ARG B 305 -3.10 10.67 28.09
N THR B 306 -3.68 11.87 28.03
CA THR B 306 -3.31 12.92 28.98
C THR B 306 -3.82 12.59 30.39
N LEU B 307 -5.00 11.99 30.51
CA LEU B 307 -5.55 11.63 31.82
C LEU B 307 -4.70 10.54 32.51
N VAL B 308 -4.21 9.58 31.73
CA VAL B 308 -3.36 8.53 32.27
C VAL B 308 -2.02 9.13 32.70
N LEU B 309 -1.48 10.01 31.85
CA LEU B 309 -0.24 10.72 32.15
C LEU B 309 -0.36 11.63 33.38
N ASP B 310 -1.54 12.19 33.60
CA ASP B 310 -1.78 13.07 34.75
C ASP B 310 -1.78 12.26 36.05
N ALA B 311 -2.29 11.03 35.99
CA ALA B 311 -2.49 10.20 37.16
C ALA B 311 -1.24 9.39 37.55
N TYR B 312 -0.43 9.04 36.54
CA TYR B 312 0.78 8.23 36.70
C TYR B 312 1.84 8.84 35.81
N LYS B 313 3.05 9.04 36.33
CA LYS B 313 4.12 9.67 35.52
C LYS B 313 5.37 8.81 35.31
N HIS B 314 5.20 7.49 35.29
CA HIS B 314 6.19 6.59 34.69
C HIS B 314 5.48 5.69 33.68
N ILE B 315 4.71 6.32 32.81
CA ILE B 315 3.85 5.63 31.86
C ILE B 315 4.54 5.54 30.49
N ASP B 316 4.42 4.38 29.87
CA ASP B 316 4.83 4.16 28.49
C ASP B 316 3.57 4.22 27.62
N LEU B 317 3.49 5.24 26.76
CA LEU B 317 2.31 5.45 25.92
C LEU B 317 2.20 4.44 24.78
N ASP B 318 3.34 3.85 24.40
CA ASP B 318 3.38 2.77 23.41
C ASP B 318 2.56 1.53 23.85
N LYS B 319 2.40 1.33 25.16
CA LYS B 319 1.64 0.20 25.70
C LYS B 319 0.24 0.56 26.22
N LEU B 320 -0.20 1.80 25.96
CA LEU B 320 -1.58 2.24 26.20
C LEU B 320 -2.35 2.07 24.89
N LYS B 321 -3.13 1.01 24.80
CA LYS B 321 -3.86 0.68 23.58
C LYS B 321 -5.28 1.21 23.70
N ILE B 322 -5.70 2.03 22.74
CA ILE B 322 -7.01 2.70 22.80
C ILE B 322 -7.82 2.45 21.51
N ILE B 323 -9.11 2.17 21.70
CA ILE B 323 -10.09 2.14 20.61
C ILE B 323 -11.31 2.97 21.02
N ALA B 324 -11.57 4.07 20.29
CA ALA B 324 -12.67 4.98 20.58
C ALA B 324 -13.68 5.06 19.43
N TYR B 325 -14.96 5.03 19.76
CA TYR B 325 -16.02 5.43 18.84
C TYR B 325 -16.71 6.66 19.43
N GLY B 326 -16.28 7.84 19.02
CA GLY B 326 -16.75 9.07 19.62
C GLY B 326 -16.44 9.08 21.12
N ASP B 327 -17.47 9.32 21.93
CA ASP B 327 -17.34 9.36 23.39
C ASP B 327 -17.11 7.97 24.01
N ASP B 328 -17.49 6.92 23.30
CA ASP B 328 -17.40 5.55 23.78
C ASP B 328 -15.97 5.05 23.58
N VAL B 329 -15.35 4.57 24.66
CA VAL B 329 -13.95 4.18 24.62
C VAL B 329 -13.67 2.92 25.45
N ILE B 330 -12.77 2.10 24.91
CA ILE B 330 -12.22 0.96 25.62
C ILE B 330 -10.70 0.99 25.43
N PHE B 331 -9.96 0.64 26.47
CA PHE B 331 -8.50 0.72 26.40
C PHE B 331 -7.83 -0.23 27.39
N SER B 332 -6.55 -0.49 27.15
CA SER B 332 -5.76 -1.34 28.04
C SER B 332 -4.37 -0.76 28.30
N TYR B 333 -3.71 -1.29 29.32
CA TYR B 333 -2.32 -0.98 29.61
C TYR B 333 -1.60 -2.26 29.98
N LYS B 334 -0.26 -2.26 29.89
CA LYS B 334 0.55 -3.45 30.22
C LYS B 334 0.30 -3.98 31.64
N TYR B 335 -0.05 -3.09 32.56
CA TYR B 335 -0.39 -3.49 33.92
C TYR B 335 -1.58 -2.72 34.50
N LYS B 336 -1.99 -3.10 35.71
CA LYS B 336 -3.21 -2.58 36.34
C LYS B 336 -3.13 -1.09 36.68
N LEU B 337 -4.12 -0.36 36.20
CA LEU B 337 -4.29 1.06 36.48
C LEU B 337 -5.61 1.27 37.21
N ASP B 338 -5.67 2.31 38.03
CA ASP B 338 -6.87 2.64 38.80
C ASP B 338 -7.72 3.60 37.98
N MET B 339 -8.93 3.18 37.64
CA MET B 339 -9.81 3.95 36.76
C MET B 339 -10.38 5.17 37.46
N GLU B 340 -10.63 5.06 38.76
CA GLU B 340 -11.10 6.19 39.56
C GLU B 340 -10.06 7.31 39.58
N ALA B 341 -8.78 6.94 39.64
CA ALA B 341 -7.69 7.93 39.61
C ALA B 341 -7.63 8.66 38.28
N ILE B 342 -7.74 7.90 37.18
CA ILE B 342 -7.72 8.46 35.83
C ILE B 342 -8.91 9.40 35.62
N ALA B 343 -10.06 8.99 36.15
CA ALA B 343 -11.31 9.73 36.02
C ALA B 343 -11.26 11.06 36.76
N LYS B 344 -10.61 11.07 37.90
CA LYS B 344 -10.45 12.26 38.74
C LYS B 344 -9.71 13.38 38.00
N GLU B 345 -8.73 12.99 37.18
CA GLU B 345 -7.93 13.94 36.39
C GLU B 345 -8.75 14.68 35.31
N GLY B 346 -9.93 14.16 34.99
CA GLY B 346 -10.82 14.80 34.04
C GLY B 346 -11.47 16.09 34.53
N GLN B 347 -11.67 16.23 35.84
CA GLN B 347 -12.41 17.36 36.41
C GLN B 347 -11.82 18.73 36.06
N LYS B 348 -10.49 18.84 36.09
CA LYS B 348 -9.82 20.13 35.86
C LYS B 348 -9.99 20.61 34.42
N TYR B 349 -10.21 19.67 33.51
CA TYR B 349 -10.52 19.99 32.12
C TYR B 349 -12.01 20.23 31.87
N GLY B 350 -12.84 19.89 32.84
CA GLY B 350 -14.29 20.06 32.73
C GLY B 350 -14.93 18.83 32.12
N LEU B 351 -14.27 17.68 32.27
CA LEU B 351 -14.80 16.39 31.84
C LEU B 351 -15.37 15.67 33.05
N THR B 352 -16.62 15.20 32.95
CA THR B 352 -17.25 14.39 33.98
C THR B 352 -17.25 12.92 33.58
N ILE B 353 -16.46 12.11 34.29
CA ILE B 353 -16.33 10.68 34.02
C ILE B 353 -16.87 9.87 35.20
N THR B 354 -17.76 8.91 34.90
CA THR B 354 -18.35 8.00 35.89
C THR B 354 -18.03 6.54 35.55
N PRO B 355 -18.27 5.62 36.48
CA PRO B 355 -18.09 4.18 36.20
C PRO B 355 -18.96 3.64 35.05
N ALA B 356 -18.43 2.64 34.36
CA ALA B 356 -19.08 2.06 33.20
C ALA B 356 -20.40 1.38 33.58
N ASP B 357 -21.39 1.52 32.72
CA ASP B 357 -22.68 0.85 32.86
C ASP B 357 -23.38 1.22 34.17
N LYS B 358 -23.41 2.51 34.45
CA LYS B 358 -24.14 3.08 35.59
C LYS B 358 -23.89 2.34 36.90
N SER B 359 -22.65 1.90 37.10
CA SER B 359 -22.25 1.28 38.36
C SER B 359 -22.06 2.35 39.43
N SER B 360 -22.20 1.97 40.69
CA SER B 360 -22.13 2.90 41.81
C SER B 360 -20.70 3.34 42.05
N GLU B 361 -19.79 2.37 42.07
CA GLU B 361 -18.37 2.61 42.26
C GLU B 361 -17.54 2.09 41.08
N PHE B 362 -16.28 2.50 41.04
CA PHE B 362 -15.32 1.98 40.06
C PHE B 362 -14.85 0.59 40.50
N LYS B 363 -15.00 -0.38 39.62
CA LYS B 363 -14.58 -1.77 39.87
C LYS B 363 -13.73 -2.28 38.72
N GLU B 364 -12.98 -3.35 38.98
CA GLU B 364 -12.11 -3.93 37.96
C GLU B 364 -12.94 -4.60 36.87
N LEU B 365 -12.50 -4.44 35.62
CA LEU B 365 -13.19 -4.98 34.46
C LEU B 365 -12.34 -6.00 33.72
N ASP B 366 -13.03 -6.94 33.08
CA ASP B 366 -12.45 -7.85 32.10
C ASP B 366 -13.50 -8.10 31.00
N TYR B 367 -13.24 -9.05 30.10
CA TYR B 367 -14.13 -9.26 28.95
C TYR B 367 -15.50 -9.86 29.30
N GLY B 368 -15.64 -10.44 30.49
CA GLY B 368 -16.91 -10.95 30.96
C GLY B 368 -17.96 -9.90 31.35
N ASN B 369 -17.52 -8.70 31.71
CA ASN B 369 -18.45 -7.63 32.10
C ASN B 369 -18.30 -6.30 31.34
N VAL B 370 -17.28 -6.18 30.49
CA VAL B 370 -17.01 -4.92 29.79
C VAL B 370 -17.98 -4.67 28.62
N THR B 371 -18.23 -3.39 28.35
CA THR B 371 -19.15 -2.93 27.32
C THR B 371 -18.44 -2.01 26.30
N PHE B 372 -18.85 -2.10 25.05
CA PHE B 372 -18.35 -1.24 23.97
C PHE B 372 -19.40 -1.23 22.87
N LEU B 373 -19.82 -0.04 22.45
CA LEU B 373 -20.93 0.12 21.51
C LEU B 373 -22.20 -0.61 22.00
N LYS B 374 -22.50 -0.46 23.29
CA LYS B 374 -23.61 -1.11 23.99
C LYS B 374 -23.49 -2.64 24.15
N ARG B 375 -22.49 -3.24 23.53
CA ARG B 375 -22.38 -4.69 23.46
C ARG B 375 -21.40 -5.27 24.48
N GLY B 376 -21.78 -6.37 25.10
CA GLY B 376 -20.86 -7.19 25.87
C GLY B 376 -20.04 -8.12 25.00
N PHE B 377 -19.24 -8.96 25.64
CA PHE B 377 -18.33 -9.88 24.95
C PHE B 377 -18.57 -11.29 25.46
N ARG B 378 -18.68 -12.26 24.56
CA ARG B 378 -18.92 -13.65 24.95
C ARG B 378 -18.29 -14.67 24.01
N GLN B 379 -17.49 -15.57 24.56
CA GLN B 379 -16.86 -16.63 23.76
C GLN B 379 -17.91 -17.54 23.13
N ASP B 380 -17.65 -17.94 21.88
CA ASP B 380 -18.50 -18.90 21.18
C ASP B 380 -18.31 -20.26 21.83
N ASP B 381 -19.35 -21.08 21.72
CA ASP B 381 -19.39 -22.42 22.31
C ASP B 381 -18.39 -23.39 21.65
N LYS B 382 -18.49 -23.57 20.34
CA LYS B 382 -17.60 -24.49 19.59
C LYS B 382 -16.18 -23.92 19.38
N TYR B 383 -16.09 -22.65 19.01
CA TYR B 383 -14.80 -21.98 18.78
C TYR B 383 -14.59 -20.86 19.79
N LYS B 384 -13.87 -21.16 20.87
CA LYS B 384 -13.75 -20.21 21.98
C LYS B 384 -13.07 -18.89 21.58
N PHE B 385 -12.29 -18.93 20.51
CA PHE B 385 -11.57 -17.74 20.02
C PHE B 385 -12.46 -16.76 19.25
N LEU B 386 -13.59 -17.23 18.73
CA LEU B 386 -14.58 -16.36 18.09
C LEU B 386 -15.47 -15.70 19.15
N ILE B 387 -15.59 -14.38 19.11
CA ILE B 387 -16.30 -13.62 20.15
C ILE B 387 -17.62 -13.00 19.67
N HIS B 388 -18.72 -13.44 20.28
CA HIS B 388 -20.05 -12.86 20.06
C HIS B 388 -20.16 -11.46 20.65
N PRO B 389 -20.66 -10.49 19.86
CA PRO B 389 -21.13 -9.23 20.41
C PRO B 389 -22.54 -9.40 20.98
N THR B 390 -22.66 -9.16 22.28
CA THR B 390 -23.92 -9.32 23.02
C THR B 390 -24.69 -7.98 23.11
N PHE B 391 -25.81 -7.87 22.40
CA PHE B 391 -26.62 -6.65 22.43
C PHE B 391 -27.72 -6.82 23.49
N PRO B 392 -27.98 -5.81 24.32
CA PRO B 392 -28.95 -5.95 25.42
C PRO B 392 -30.38 -6.29 24.96
N VAL B 393 -31.00 -7.27 25.61
CA VAL B 393 -32.30 -7.77 25.19
C VAL B 393 -33.42 -6.75 25.38
N GLU B 394 -33.42 -6.02 26.50
CA GLU B 394 -34.47 -5.02 26.73
C GLU B 394 -34.48 -3.95 25.65
N GLU B 395 -33.30 -3.60 25.12
CA GLU B 395 -33.21 -2.59 24.06
C GLU B 395 -33.85 -3.09 22.74
N ILE B 396 -33.72 -4.38 22.45
CA ILE B 396 -34.41 -5.00 21.32
C ILE B 396 -35.93 -5.08 21.53
N TYR B 397 -36.35 -5.49 22.73
CA TYR B 397 -37.78 -5.54 23.10
C TYR B 397 -38.45 -4.18 22.95
N GLU B 398 -37.75 -3.11 23.33
CA GLU B 398 -38.32 -1.77 23.22
C GLU B 398 -38.38 -1.27 21.79
N SER B 399 -37.38 -1.62 20.99
CA SER B 399 -37.30 -1.20 19.59
C SER B 399 -38.39 -1.83 18.71
N ILE B 400 -38.69 -3.11 18.95
CA ILE B 400 -39.65 -3.82 18.12
C ILE B 400 -41.07 -3.32 18.31
N ARG B 401 -41.33 -2.63 19.42
CA ARG B 401 -42.68 -2.15 19.76
C ARG B 401 -43.15 -0.92 18.97
N TRP B 402 -42.25 -0.30 18.19
CA TRP B 402 -42.58 0.91 17.42
C TRP B 402 -42.04 0.86 15.98
N THR B 403 -42.68 1.62 15.09
CA THR B 403 -42.25 1.79 13.68
C THR B 403 -42.38 3.23 13.21
N LYS B 404 -41.49 3.64 12.30
CA LYS B 404 -41.71 4.86 11.51
C LYS B 404 -42.32 4.52 10.15
N LYS B 405 -42.34 3.23 9.81
CA LYS B 405 -42.96 2.77 8.56
C LYS B 405 -43.32 1.29 8.66
N PRO B 406 -44.60 0.98 8.85
CA PRO B 406 -45.06 -0.42 8.98
C PRO B 406 -44.71 -1.31 7.78
N SER B 407 -44.65 -0.76 6.57
CA SER B 407 -44.31 -1.51 5.35
C SER B 407 -42.96 -2.24 5.43
N GLN B 408 -42.01 -1.64 6.14
CA GLN B 408 -40.64 -2.15 6.22
C GLN B 408 -40.38 -2.99 7.49
N MET B 409 -41.36 -3.73 7.96
CA MET B 409 -41.21 -4.53 9.18
C MET B 409 -40.35 -5.78 8.99
N GLN B 410 -40.33 -6.34 7.78
CA GLN B 410 -39.48 -7.48 7.51
C GLN B 410 -38.01 -7.11 7.74
N GLU B 411 -37.62 -5.95 7.21
CA GLU B 411 -36.27 -5.44 7.34
C GLU B 411 -35.95 -5.10 8.81
N HIS B 412 -36.86 -4.39 9.47
CA HIS B 412 -36.70 -4.01 10.89
C HIS B 412 -36.49 -5.25 11.77
N VAL B 413 -37.38 -6.23 11.64
CA VAL B 413 -37.33 -7.45 12.44
C VAL B 413 -36.06 -8.25 12.13
N LEU B 414 -35.67 -8.30 10.87
CA LEU B 414 -34.48 -9.04 10.45
C LEU B 414 -33.22 -8.53 11.14
N SER B 415 -33.04 -7.22 11.14
CA SER B 415 -31.88 -6.64 11.80
C SER B 415 -31.95 -6.79 13.33
N LEU B 416 -33.16 -6.90 13.89
CA LEU B 416 -33.30 -7.22 15.31
C LEU B 416 -32.88 -8.67 15.62
N CYS B 417 -33.23 -9.61 14.74
CA CYS B 417 -32.80 -11.01 14.85
C CYS B 417 -31.28 -11.16 14.76
N HIS B 418 -30.63 -10.36 13.91
CA HIS B 418 -29.17 -10.41 13.74
C HIS B 418 -28.44 -9.91 14.97
N LEU B 419 -29.09 -9.03 15.72
CA LEU B 419 -28.58 -8.55 17.00
C LEU B 419 -28.83 -9.58 18.10
N MET B 420 -30.03 -10.17 18.08
CA MET B 420 -30.57 -10.94 19.20
C MET B 420 -29.92 -12.29 19.41
N TRP B 421 -29.57 -12.97 18.31
CA TRP B 421 -29.19 -14.38 18.39
C TRP B 421 -27.87 -14.58 19.11
N HIS B 422 -27.03 -13.56 19.10
CA HIS B 422 -25.74 -13.61 19.79
C HIS B 422 -25.88 -13.82 21.29
N ASN B 423 -27.05 -13.49 21.85
CA ASN B 423 -27.36 -13.71 23.26
C ASN B 423 -27.66 -15.17 23.62
N GLY B 424 -27.78 -16.04 22.61
CA GLY B 424 -27.91 -17.47 22.82
C GLY B 424 -29.21 -18.06 22.30
N PRO B 425 -29.26 -19.39 22.13
CA PRO B 425 -30.43 -20.07 21.56
C PRO B 425 -31.72 -19.92 22.35
N GLU B 426 -31.63 -19.95 23.67
CA GLU B 426 -32.79 -19.88 24.55
C GLU B 426 -33.57 -18.56 24.43
N ILE B 427 -32.86 -17.45 24.49
CA ILE B 427 -33.52 -16.15 24.37
C ILE B 427 -33.90 -15.83 22.93
N TYR B 428 -33.18 -16.41 21.96
CA TYR B 428 -33.54 -16.27 20.55
C TYR B 428 -34.79 -17.07 20.19
N LYS B 429 -34.92 -18.28 20.73
CA LYS B 429 -36.11 -19.09 20.47
C LYS B 429 -37.36 -18.48 21.11
N ASP B 430 -37.18 -17.85 22.27
CA ASP B 430 -38.22 -17.08 22.95
C ASP B 430 -38.62 -15.87 22.12
N PHE B 431 -37.65 -15.26 21.43
CA PHE B 431 -37.88 -14.11 20.56
C PHE B 431 -38.72 -14.50 19.34
N GLU B 432 -38.35 -15.59 18.69
CA GLU B 432 -39.09 -16.13 17.56
C GLU B 432 -40.55 -16.44 17.92
N THR B 433 -40.76 -17.02 19.10
CA THR B 433 -42.10 -17.41 19.53
C THR B 433 -43.01 -16.21 19.81
N LYS B 434 -42.46 -15.16 20.42
CA LYS B 434 -43.25 -13.95 20.64
C LYS B 434 -43.68 -13.34 19.30
N ILE B 435 -42.77 -13.30 18.34
CA ILE B 435 -43.04 -12.72 17.02
C ILE B 435 -44.08 -13.53 16.23
N ARG B 436 -44.00 -14.86 16.31
CA ARG B 436 -44.91 -15.78 15.62
C ARG B 436 -46.24 -15.97 16.35
N SER B 437 -46.40 -15.29 17.49
CA SER B 437 -47.67 -15.31 18.23
C SER B 437 -48.76 -14.43 17.60
N VAL B 438 -48.36 -13.52 16.71
CA VAL B 438 -49.31 -12.73 15.92
C VAL B 438 -49.11 -13.07 14.44
N SER B 439 -50.17 -12.91 13.64
CA SER B 439 -50.15 -13.33 12.24
C SER B 439 -49.24 -12.48 11.34
N ALA B 440 -49.04 -11.22 11.68
CA ALA B 440 -48.08 -10.39 10.96
C ALA B 440 -46.65 -10.94 11.10
N GLY B 441 -46.33 -11.50 12.26
CA GLY B 441 -45.03 -12.12 12.48
C GLY B 441 -44.84 -13.48 11.83
N ARG B 442 -45.94 -14.24 11.71
CA ARG B 442 -45.90 -15.55 11.06
C ARG B 442 -45.75 -15.39 9.53
N ALA B 443 -46.12 -14.22 9.01
CA ALA B 443 -45.93 -13.89 7.60
C ALA B 443 -44.49 -13.47 7.25
N LEU B 444 -43.67 -13.14 8.25
CA LEU B 444 -42.29 -12.71 7.99
C LEU B 444 -41.34 -13.89 7.93
N TYR B 445 -40.25 -13.73 7.19
CA TYR B 445 -39.10 -14.62 7.35
C TYR B 445 -38.32 -14.28 8.62
N ILE B 446 -38.26 -15.25 9.53
CA ILE B 446 -37.44 -15.17 10.72
C ILE B 446 -36.40 -16.28 10.60
N PRO B 447 -35.11 -15.91 10.58
CA PRO B 447 -34.05 -16.92 10.42
C PRO B 447 -33.93 -17.87 11.61
N PRO B 448 -33.75 -19.17 11.37
CA PRO B 448 -33.46 -20.10 12.46
C PRO B 448 -32.11 -19.80 13.12
N TYR B 449 -31.97 -20.15 14.40
CA TYR B 449 -30.74 -19.95 15.14
C TYR B 449 -29.53 -20.55 14.41
N GLU B 450 -29.67 -21.81 13.98
CA GLU B 450 -28.58 -22.54 13.31
C GLU B 450 -28.13 -21.88 12.01
N LEU B 451 -29.07 -21.29 11.25
CA LEU B 451 -28.74 -20.58 10.01
C LEU B 451 -27.93 -19.30 10.29
N LEU B 452 -28.29 -18.57 11.33
CA LEU B 452 -27.58 -17.34 11.70
C LEU B 452 -26.14 -17.65 12.09
N ARG B 453 -26.00 -18.72 12.89
CA ARG B 453 -24.71 -19.15 13.42
C ARG B 453 -23.77 -19.59 12.29
N HIS B 454 -24.34 -20.21 11.28
CA HIS B 454 -23.59 -20.72 10.13
C HIS B 454 -23.17 -19.58 9.20
N GLU B 455 -24.05 -18.60 9.04
CA GLU B 455 -23.73 -17.41 8.24
C GLU B 455 -22.66 -16.56 8.92
N TRP B 456 -22.63 -16.59 10.25
CA TRP B 456 -21.69 -15.77 11.04
C TRP B 456 -20.27 -16.32 10.90
N TYR B 457 -20.14 -17.64 10.98
CA TYR B 457 -18.86 -18.31 10.75
C TYR B 457 -18.27 -17.97 9.37
N GLU B 458 -19.12 -17.87 8.36
CA GLU B 458 -18.71 -17.59 6.98
C GLU B 458 -18.25 -16.15 6.72
N LYS B 459 -18.62 -15.22 7.61
CA LYS B 459 -18.21 -13.81 7.49
C LYS B 459 -16.72 -13.61 7.74
N PHE B 460 -16.14 -14.45 8.61
CA PHE B 460 -14.76 -14.29 9.05
C PHE B 460 -13.76 -14.52 7.90
#